data_8WTN
#
_entry.id   8WTN
#
_cell.length_a   1.00
_cell.length_b   1.00
_cell.length_c   1.00
_cell.angle_alpha   90.00
_cell.angle_beta   90.00
_cell.angle_gamma   90.00
#
_symmetry.space_group_name_H-M   'P 1'
#
loop_
_entity.id
_entity.type
_entity.pdbx_description
1 polymer 'ABC transporter G family member 16'
2 non-polymer "ADENOSINE-5'-DIPHOSPHATE"
3 non-polymer 'VANADATE ION'
#
_entity_poly.entity_id   1
_entity_poly.type   'polypeptide(L)'
_entity_poly.pdbx_seq_one_letter_code
;MSRILVEDDNATPFHSMEIISSSLTLGQLLKNVSDVRKVEVGDETPVHEFFDRDGSSLDGDNDHLMRPVPFVLSFNNLTY
NVSVRRKLDFHDLVPWRRTSFSKTKTLLDNISGETRDGEILAVLGASGSGKSTLIDALANRIAKGSLKGTVTLNGEALQS
RMLKVISAYVMQDDLLFPMLTVEETLMFAAEFRLPRSLPKSKKKLRVQALIDQLGIRNAAKTIIGDEGHRGISGGERRRV
SIGIDIIHDPIVLFLDEPTSGLDSTSAFMVVKVLKRIAESGSIIIMSIHQPSHRVLSLLDRLIFLSRGHTVFSGSPASLP
SFFAGFGNPIPENENQTEFALDLIRELEGSAGGTRGLVEFNKKWQEMKKQSNPQTLTPPASPNPNLTLKEAISASISRGK
LVSGGGGGSSVINHGGGTLAVPAFANPFWIEIKTLTRRSILNSRRQPELLGMRLATVIVTGFILATVFWRLDNSPKGVQE
RLGFFAFAMSTMFYTCADALPVFLQERYIFMRETAYNAYRRSSYVLSHAIVTFPSLIFLSLAFAVTTFWAVGLEGGLMGF
LFYCLIILASFWSGSSFVTFLSGVVPHVMLGYTIVVAILAYFLLFSGFFINRDRIPQYWIWFHYLSLVKYPYEAVLQNEF
SDPTECFVRGVQLFDNSPLGELTYGMKLRLLDSVSRSIGMRISSSTCLTTGADVLKQQGVTQLSKWNCLLITVGFGFLFR
ILFYLCLLLGSKNKRR
;
_entity_poly.pdbx_strand_id   A,B
#
loop_
_chem_comp.id
_chem_comp.type
_chem_comp.name
_chem_comp.formula
ADP non-polymer ADENOSINE-5'-DIPHOSPHATE 'C10 H15 N5 O10 P2'
VO4 non-polymer 'VANADATE ION' 'O4 V -3'
#
# COMPACT_ATOMS: atom_id res chain seq x y z
N ARG A 67 22.55 -41.12 -15.23
CA ARG A 67 23.20 -41.87 -14.15
C ARG A 67 23.34 -40.98 -12.92
N PRO A 68 22.31 -40.97 -12.06
CA PRO A 68 22.39 -40.16 -10.84
C PRO A 68 22.97 -40.94 -9.67
N VAL A 69 23.05 -40.30 -8.51
CA VAL A 69 23.49 -40.93 -7.27
C VAL A 69 22.27 -41.10 -6.37
N PRO A 70 21.96 -42.31 -5.90
CA PRO A 70 20.70 -42.52 -5.18
C PRO A 70 20.75 -41.98 -3.76
N PHE A 71 19.78 -41.14 -3.42
CA PHE A 71 19.56 -40.65 -2.07
C PHE A 71 18.14 -41.03 -1.65
N VAL A 72 18.00 -41.45 -0.40
CA VAL A 72 16.71 -41.91 0.14
C VAL A 72 16.45 -41.10 1.40
N LEU A 73 15.53 -40.14 1.34
CA LEU A 73 15.14 -39.35 2.50
C LEU A 73 13.98 -40.06 3.17
N SER A 74 14.24 -40.68 4.32
CA SER A 74 13.25 -41.41 5.08
C SER A 74 13.01 -40.72 6.41
N PHE A 75 11.79 -40.24 6.63
CA PHE A 75 11.37 -39.71 7.91
C PHE A 75 10.31 -40.64 8.48
N ASN A 76 10.56 -41.17 9.68
CA ASN A 76 9.82 -42.32 10.20
C ASN A 76 8.67 -41.93 11.12
N ASN A 77 8.92 -41.08 12.10
CA ASN A 77 7.88 -40.64 13.02
C ASN A 77 8.12 -39.19 13.36
N LEU A 78 7.08 -38.38 13.31
CA LEU A 78 7.21 -36.95 13.60
C LEU A 78 6.07 -36.50 14.49
N THR A 79 6.42 -35.84 15.58
CA THR A 79 5.43 -35.29 16.51
C THR A 79 5.91 -33.91 16.94
N TYR A 80 5.13 -32.89 16.61
CA TYR A 80 5.47 -31.51 16.94
C TYR A 80 4.32 -30.89 17.72
N ASN A 81 4.56 -30.58 18.99
CA ASN A 81 3.56 -30.00 19.87
C ASN A 81 3.94 -28.57 20.20
N VAL A 82 2.99 -27.65 20.06
CA VAL A 82 3.24 -26.25 20.33
C VAL A 82 2.35 -25.76 21.47
N THR A 104 -2.47 -27.59 25.56
CA THR A 104 -1.50 -27.93 24.52
C THR A 104 -2.16 -27.94 23.15
N LYS A 105 -1.34 -28.04 22.10
CA LYS A 105 -1.85 -28.08 20.74
C LYS A 105 -0.83 -28.82 19.89
N THR A 106 -1.13 -30.05 19.51
CA THR A 106 -0.24 -30.80 18.63
C THR A 106 -0.44 -30.37 17.18
N LEU A 107 0.64 -30.38 16.42
CA LEU A 107 0.61 -30.00 15.01
C LEU A 107 1.01 -31.12 14.08
N LEU A 108 1.86 -32.05 14.53
CA LEU A 108 2.21 -33.24 13.76
C LEU A 108 2.06 -34.45 14.67
N ASP A 109 1.74 -35.60 14.07
CA ASP A 109 1.53 -36.82 14.84
C ASP A 109 1.86 -38.02 13.96
N ASN A 110 3.09 -38.55 14.13
CA ASN A 110 3.53 -39.84 13.59
C ASN A 110 3.47 -39.90 12.07
N ILE A 111 3.93 -38.84 11.41
CA ILE A 111 3.99 -38.84 9.95
C ILE A 111 5.20 -39.65 9.50
N SER A 112 4.96 -40.66 8.67
CA SER A 112 6.02 -41.49 8.11
C SER A 112 6.18 -41.17 6.63
N GLY A 113 7.38 -41.39 6.12
CA GLY A 113 7.65 -41.10 4.72
C GLY A 113 8.95 -41.72 4.28
N GLU A 114 9.08 -41.88 2.96
CA GLU A 114 10.27 -42.45 2.34
C GLU A 114 10.29 -41.99 0.89
N THR A 115 11.24 -41.12 0.55
CA THR A 115 11.30 -40.52 -0.78
C THR A 115 12.69 -40.68 -1.35
N ARG A 116 12.80 -41.39 -2.47
CA ARG A 116 14.06 -41.53 -3.17
C ARG A 116 14.31 -40.33 -4.07
N ASP A 117 15.48 -40.30 -4.70
CA ASP A 117 15.74 -39.29 -5.71
C ASP A 117 14.92 -39.57 -6.96
N GLY A 118 14.58 -38.50 -7.67
CA GLY A 118 13.75 -38.61 -8.83
C GLY A 118 12.27 -38.53 -8.58
N GLU A 119 11.85 -38.33 -7.33
CA GLU A 119 10.45 -38.35 -6.97
C GLU A 119 10.03 -37.01 -6.37
N ILE A 120 8.77 -36.67 -6.57
CA ILE A 120 8.20 -35.36 -6.30
C ILE A 120 7.10 -35.50 -5.25
N LEU A 121 7.42 -36.20 -4.15
CA LEU A 121 6.54 -36.35 -2.98
C LEU A 121 5.79 -35.07 -2.63
N ALA A 122 4.47 -35.15 -2.61
CA ALA A 122 3.60 -34.01 -2.41
C ALA A 122 2.88 -34.13 -1.08
N VAL A 123 2.77 -33.01 -0.38
CA VAL A 123 2.14 -32.96 0.93
C VAL A 123 0.86 -32.17 0.77
N LEU A 124 -0.26 -32.87 0.63
CA LEU A 124 -1.56 -32.26 0.43
C LEU A 124 -2.27 -32.07 1.76
N GLY A 125 -3.22 -31.15 1.78
CA GLY A 125 -3.95 -30.89 3.00
C GLY A 125 -4.95 -29.76 2.94
N ALA A 126 -4.98 -28.96 4.00
CA ALA A 126 -6.02 -27.95 4.19
C ALA A 126 -5.35 -26.61 4.43
N SER A 127 -6.12 -25.66 4.96
CA SER A 127 -5.71 -24.28 5.10
C SER A 127 -5.46 -23.98 6.57
N GLY A 128 -4.65 -24.83 7.21
CA GLY A 128 -4.52 -24.86 8.64
C GLY A 128 -4.24 -26.28 9.12
N SER A 129 -4.16 -27.21 8.16
CA SER A 129 -3.79 -28.59 8.46
C SER A 129 -2.34 -28.73 8.94
N GLY A 130 -1.48 -27.77 8.63
CA GLY A 130 -0.09 -27.86 9.02
C GLY A 130 0.72 -28.70 8.05
N LYS A 131 0.61 -28.42 6.76
CA LYS A 131 1.49 -29.02 5.76
C LYS A 131 2.68 -28.15 5.44
N SER A 132 2.66 -26.88 5.83
CA SER A 132 3.85 -26.05 5.86
C SER A 132 4.64 -26.21 7.15
N THR A 133 4.15 -27.03 8.07
CA THR A 133 4.85 -27.41 9.28
C THR A 133 5.59 -28.74 9.11
N LEU A 134 5.06 -29.63 8.28
CA LEU A 134 5.74 -30.91 8.01
C LEU A 134 7.03 -30.70 7.24
N ILE A 135 7.00 -29.88 6.18
CA ILE A 135 8.23 -29.59 5.44
C ILE A 135 9.10 -28.54 6.14
N ASP A 136 8.56 -27.87 7.17
CA ASP A 136 9.40 -27.10 8.07
C ASP A 136 10.13 -27.98 9.08
N ALA A 137 9.69 -29.23 9.24
CA ALA A 137 10.35 -30.17 10.12
C ALA A 137 11.31 -31.09 9.37
N LEU A 138 11.17 -31.23 8.06
CA LEU A 138 12.14 -31.94 7.25
C LEU A 138 13.29 -31.04 6.82
N ALA A 139 13.06 -29.74 6.75
CA ALA A 139 14.10 -28.76 6.44
C ALA A 139 14.84 -28.28 7.67
N ASN A 140 14.52 -28.85 8.85
CA ASN A 140 15.10 -28.48 10.14
C ASN A 140 14.91 -26.99 10.44
N ARG A 141 13.69 -26.50 10.19
CA ARG A 141 13.37 -25.09 10.40
C ARG A 141 12.52 -24.87 11.64
N ILE A 142 12.49 -25.84 12.55
CA ILE A 142 11.83 -25.68 13.84
C ILE A 142 12.87 -25.91 14.93
N ALA A 143 12.46 -25.83 16.18
CA ALA A 143 13.40 -25.96 17.29
C ALA A 143 13.84 -27.40 17.46
N LYS A 144 15.13 -27.59 17.75
CA LYS A 144 15.67 -28.92 17.98
C LYS A 144 15.29 -29.40 19.38
N GLY A 145 14.84 -30.65 19.47
CA GLY A 145 14.33 -31.20 20.70
C GLY A 145 12.83 -31.09 20.86
N SER A 146 12.17 -30.22 20.10
CA SER A 146 10.72 -30.14 20.06
C SER A 146 10.11 -30.98 18.95
N LEU A 147 10.95 -31.66 18.16
CA LEU A 147 10.50 -32.56 17.10
C LEU A 147 10.95 -33.96 17.45
N LYS A 148 10.04 -34.76 18.01
CA LYS A 148 10.36 -36.12 18.42
C LYS A 148 10.36 -37.03 17.20
N GLY A 149 11.51 -37.60 16.88
CA GLY A 149 11.65 -38.53 15.78
C GLY A 149 12.78 -38.16 14.85
N THR A 150 13.06 -39.09 13.93
CA THR A 150 14.23 -39.01 13.07
C THR A 150 13.84 -38.67 11.65
N VAL A 151 14.52 -37.69 11.07
CA VAL A 151 14.45 -37.39 9.65
C VAL A 151 15.82 -37.74 9.07
N THR A 152 15.90 -38.84 8.34
CA THR A 152 17.17 -39.46 8.02
C THR A 152 17.32 -39.60 6.51
N LEU A 153 18.52 -39.29 6.02
CA LEU A 153 18.91 -39.56 4.63
C LEU A 153 19.44 -41.00 4.57
N ASN A 154 20.13 -41.35 3.48
CA ASN A 154 20.82 -42.63 3.43
C ASN A 154 22.17 -42.52 4.15
N GLY A 155 22.09 -42.58 5.48
CA GLY A 155 23.29 -42.42 6.28
C GLY A 155 23.17 -41.52 7.51
N GLU A 156 23.93 -40.42 7.52
CA GLU A 156 24.29 -39.74 8.76
C GLU A 156 23.23 -38.81 9.32
N ALA A 157 21.99 -39.30 9.45
CA ALA A 157 20.94 -38.79 10.35
C ALA A 157 20.38 -37.40 10.03
N LEU A 158 21.01 -36.68 9.10
CA LEU A 158 20.53 -35.43 8.49
C LEU A 158 20.17 -34.36 9.54
N GLN A 159 21.19 -33.92 10.25
CA GLN A 159 21.04 -32.78 11.15
C GLN A 159 21.39 -31.48 10.41
N SER A 160 21.26 -30.36 11.12
CA SER A 160 21.33 -29.04 10.48
C SER A 160 22.76 -28.58 10.21
N ARG A 161 23.54 -29.41 9.56
CA ARG A 161 24.86 -29.12 9.01
C ARG A 161 24.93 -29.46 7.54
N MET A 162 24.32 -30.56 7.11
CA MET A 162 24.19 -30.87 5.70
C MET A 162 23.03 -30.13 5.06
N LEU A 163 22.01 -29.74 5.85
CA LEU A 163 20.88 -29.03 5.27
C LEU A 163 21.12 -27.52 5.17
N LYS A 164 22.29 -27.14 4.68
CA LYS A 164 22.58 -25.83 4.12
C LYS A 164 23.41 -25.89 2.85
N VAL A 165 24.14 -26.98 2.62
CA VAL A 165 24.92 -27.17 1.41
C VAL A 165 24.11 -27.94 0.37
N ILE A 166 23.39 -28.96 0.80
CA ILE A 166 22.67 -29.85 -0.10
C ILE A 166 21.17 -29.57 -0.14
N SER A 167 20.69 -28.61 0.63
CA SER A 167 19.26 -28.38 0.77
C SER A 167 18.88 -26.99 0.28
N ALA A 168 17.60 -26.83 -0.03
CA ALA A 168 17.01 -25.55 -0.38
C ALA A 168 15.54 -25.56 0.02
N TYR A 169 15.10 -24.51 0.69
CA TYR A 169 13.71 -24.36 1.10
C TYR A 169 13.12 -23.16 0.38
N VAL A 170 12.22 -23.41 -0.56
CA VAL A 170 11.56 -22.35 -1.32
C VAL A 170 10.29 -21.96 -0.57
N MET A 171 10.19 -20.69 -0.17
CA MET A 171 9.04 -20.22 0.59
C MET A 171 7.90 -19.86 -0.36
N GLN A 172 6.82 -19.30 0.18
CA GLN A 172 5.58 -19.11 -0.58
C GLN A 172 5.35 -17.63 -0.82
N ASP A 173 6.04 -17.11 -1.84
CA ASP A 173 5.86 -15.78 -2.44
C ASP A 173 6.75 -15.69 -3.66
N ASP A 174 6.72 -14.56 -4.35
CA ASP A 174 7.72 -14.21 -5.35
C ASP A 174 8.27 -12.86 -4.92
N LEU A 175 9.22 -12.88 -3.98
CA LEU A 175 9.83 -11.65 -3.46
C LEU A 175 11.09 -11.39 -4.28
N LEU A 176 10.90 -10.75 -5.43
CA LEU A 176 11.99 -10.42 -6.33
C LEU A 176 12.02 -8.92 -6.58
N PHE A 177 13.21 -8.40 -6.82
CA PHE A 177 13.33 -7.00 -7.22
C PHE A 177 12.82 -6.84 -8.64
N PRO A 178 11.88 -5.93 -8.89
CA PRO A 178 11.19 -5.92 -10.19
C PRO A 178 11.97 -5.28 -11.32
N MET A 179 12.99 -4.47 -11.03
CA MET A 179 13.77 -3.82 -12.08
C MET A 179 14.93 -4.66 -12.56
N LEU A 180 15.05 -5.88 -12.07
CA LEU A 180 16.15 -6.77 -12.44
C LEU A 180 15.65 -7.76 -13.48
N THR A 181 16.49 -8.03 -14.49
CA THR A 181 16.12 -9.03 -15.47
C THR A 181 16.29 -10.42 -14.88
N VAL A 182 15.77 -11.41 -15.60
CA VAL A 182 15.80 -12.80 -15.13
C VAL A 182 17.23 -13.32 -15.09
N GLU A 183 18.04 -12.95 -16.09
CA GLU A 183 19.44 -13.35 -16.08
C GLU A 183 20.22 -12.61 -15.01
N GLU A 184 19.84 -11.37 -14.69
CA GLU A 184 20.52 -10.61 -13.65
C GLU A 184 20.12 -11.09 -12.26
N THR A 185 18.86 -11.52 -12.10
CA THR A 185 18.38 -11.97 -10.80
C THR A 185 19.02 -13.29 -10.38
N LEU A 186 19.30 -14.16 -11.35
CA LEU A 186 19.99 -15.41 -11.06
C LEU A 186 21.50 -15.24 -11.02
N MET A 187 22.03 -14.16 -11.60
CA MET A 187 23.46 -13.91 -11.53
C MET A 187 23.85 -13.25 -10.21
N PHE A 188 22.93 -12.48 -9.61
CA PHE A 188 23.18 -11.97 -8.27
C PHE A 188 23.13 -13.08 -7.24
N ALA A 189 22.20 -14.02 -7.41
CA ALA A 189 22.15 -15.19 -6.53
C ALA A 189 23.35 -16.10 -6.75
N ALA A 190 23.92 -16.11 -7.95
CA ALA A 190 25.14 -16.88 -8.18
C ALA A 190 26.35 -16.16 -7.60
N GLU A 191 26.35 -14.83 -7.61
CA GLU A 191 27.46 -14.09 -7.00
C GLU A 191 27.36 -14.07 -5.49
N PHE A 192 26.20 -14.39 -4.92
CA PHE A 192 26.03 -14.39 -3.48
C PHE A 192 26.30 -15.74 -2.83
N ARG A 193 25.96 -16.84 -3.49
CA ARG A 193 25.94 -18.14 -2.84
C ARG A 193 26.88 -19.16 -3.44
N LEU A 194 27.25 -19.04 -4.72
CA LEU A 194 28.30 -19.90 -5.25
C LEU A 194 29.64 -19.43 -4.70
N PRO A 195 30.60 -20.36 -4.50
CA PRO A 195 31.87 -19.98 -3.85
C PRO A 195 32.71 -19.06 -4.73
N ARG A 196 33.54 -18.25 -4.05
CA ARG A 196 34.40 -17.31 -4.75
C ARG A 196 35.58 -17.98 -5.46
N SER A 197 35.81 -19.28 -5.20
CA SER A 197 36.79 -20.03 -5.96
C SER A 197 36.36 -20.22 -7.41
N LEU A 198 35.06 -20.24 -7.68
CA LEU A 198 34.58 -20.32 -9.05
C LEU A 198 34.82 -19.00 -9.78
N PRO A 199 35.24 -19.04 -11.04
CA PRO A 199 35.29 -17.81 -11.83
C PRO A 199 33.89 -17.34 -12.20
N LYS A 200 33.82 -16.10 -12.69
CA LYS A 200 32.55 -15.56 -13.13
C LYS A 200 32.06 -16.23 -14.41
N SER A 201 32.99 -16.76 -15.23
CA SER A 201 32.61 -17.51 -16.41
C SER A 201 31.97 -18.85 -16.04
N LYS A 202 32.35 -19.44 -14.91
CA LYS A 202 31.71 -20.65 -14.42
C LYS A 202 30.43 -20.37 -13.64
N LYS A 203 30.29 -19.17 -13.08
CA LYS A 203 29.04 -18.78 -12.44
C LYS A 203 28.00 -18.40 -13.48
N LYS A 204 28.44 -17.79 -14.58
CA LYS A 204 27.53 -17.53 -15.69
C LYS A 204 27.16 -18.81 -16.43
N LEU A 205 28.04 -19.82 -16.38
CA LEU A 205 27.71 -21.11 -16.97
C LEU A 205 26.70 -21.86 -16.13
N ARG A 206 26.62 -21.57 -14.83
CA ARG A 206 25.58 -22.15 -13.99
C ARG A 206 24.24 -21.46 -14.22
N VAL A 207 24.25 -20.15 -14.45
CA VAL A 207 23.01 -19.41 -14.67
C VAL A 207 22.41 -19.77 -16.02
N GLN A 208 23.23 -19.87 -17.05
CA GLN A 208 22.71 -20.19 -18.38
C GLN A 208 22.26 -21.64 -18.48
N ALA A 209 22.86 -22.54 -17.69
CA ALA A 209 22.34 -23.91 -17.63
C ALA A 209 21.07 -23.99 -16.81
N LEU A 210 20.86 -23.04 -15.89
CA LEU A 210 19.65 -23.03 -15.07
C LEU A 210 18.48 -22.40 -15.80
N ILE A 211 18.74 -21.40 -16.65
CA ILE A 211 17.68 -20.79 -17.45
C ILE A 211 17.13 -21.77 -18.47
N ASP A 212 17.99 -22.64 -19.02
CA ASP A 212 17.53 -23.69 -19.91
C ASP A 212 16.73 -24.76 -19.15
N GLN A 213 17.09 -25.01 -17.89
CA GLN A 213 16.41 -26.03 -17.10
C GLN A 213 15.03 -25.56 -16.65
N LEU A 214 14.90 -24.30 -16.24
CA LEU A 214 13.63 -23.77 -15.81
C LEU A 214 12.71 -23.41 -16.97
N GLY A 215 13.20 -23.42 -18.19
CA GLY A 215 12.38 -23.09 -19.34
C GLY A 215 12.05 -21.62 -19.45
N ILE A 216 12.99 -20.75 -19.08
CA ILE A 216 12.76 -19.31 -19.10
C ILE A 216 13.79 -18.66 -20.03
N ARG A 217 14.15 -19.36 -21.10
CA ARG A 217 15.08 -18.81 -22.09
C ARG A 217 14.46 -17.66 -22.86
N ASN A 218 13.15 -17.74 -23.14
CA ASN A 218 12.48 -16.67 -23.89
C ASN A 218 12.34 -15.39 -23.08
N ALA A 219 12.35 -15.48 -21.75
CA ALA A 219 12.25 -14.32 -20.88
C ALA A 219 13.52 -14.09 -20.07
N ALA A 220 14.68 -14.51 -20.59
CA ALA A 220 15.92 -14.39 -19.83
C ALA A 220 16.39 -12.95 -19.73
N LYS A 221 16.06 -12.11 -20.70
CA LYS A 221 16.44 -10.70 -20.66
C LYS A 221 15.26 -9.78 -20.42
N THR A 222 14.10 -10.33 -20.08
CA THR A 222 12.95 -9.53 -19.67
C THR A 222 13.03 -9.31 -18.17
N ILE A 223 12.70 -8.08 -17.74
CA ILE A 223 12.69 -7.75 -16.32
C ILE A 223 11.53 -8.48 -15.63
N ILE A 224 11.60 -8.58 -14.30
CA ILE A 224 10.58 -9.29 -13.56
C ILE A 224 9.29 -8.49 -13.51
N GLY A 225 9.36 -7.25 -13.05
CA GLY A 225 8.23 -6.37 -13.11
C GLY A 225 7.23 -6.54 -11.98
N ASP A 226 6.83 -5.43 -11.37
CA ASP A 226 5.73 -5.42 -10.42
C ASP A 226 4.44 -5.19 -11.19
N GLU A 227 3.37 -4.77 -10.50
CA GLU A 227 2.06 -4.57 -11.12
C GLU A 227 2.05 -3.47 -12.18
N GLY A 228 3.02 -2.55 -12.16
CA GLY A 228 3.03 -1.47 -13.13
C GLY A 228 4.32 -1.25 -13.87
N HIS A 229 5.04 -2.32 -14.25
CA HIS A 229 6.26 -2.11 -15.02
C HIS A 229 6.48 -3.12 -16.14
N ARG A 230 5.46 -3.93 -16.47
CA ARG A 230 5.38 -4.75 -17.69
C ARG A 230 6.55 -5.75 -17.80
N GLY A 231 6.57 -6.68 -16.86
CA GLY A 231 7.62 -7.69 -16.86
C GLY A 231 7.17 -9.07 -17.25
N ILE A 232 7.79 -10.10 -16.66
CA ILE A 232 7.48 -11.49 -16.96
C ILE A 232 6.14 -11.86 -16.35
N SER A 233 5.63 -13.03 -16.72
CA SER A 233 4.31 -13.47 -16.26
C SER A 233 4.36 -13.95 -14.81
N GLY A 234 3.23 -14.45 -14.30
CA GLY A 234 3.18 -14.82 -12.91
C GLY A 234 3.72 -16.20 -12.66
N GLY A 235 3.81 -17.01 -13.71
CA GLY A 235 4.30 -18.37 -13.56
C GLY A 235 5.70 -18.55 -14.09
N GLU A 236 6.23 -17.50 -14.71
CA GLU A 236 7.65 -17.38 -14.93
C GLU A 236 8.34 -16.60 -13.82
N ARG A 237 7.57 -15.87 -13.02
CA ARG A 237 8.05 -15.27 -11.79
C ARG A 237 8.23 -16.28 -10.67
N ARG A 238 7.62 -17.46 -10.82
CA ARG A 238 7.78 -18.54 -9.85
C ARG A 238 9.00 -19.39 -10.13
N ARG A 239 9.33 -19.62 -11.40
CA ARG A 239 10.51 -20.39 -11.74
C ARG A 239 11.80 -19.58 -11.57
N VAL A 240 11.70 -18.24 -11.54
CA VAL A 240 12.84 -17.44 -11.12
C VAL A 240 12.94 -17.44 -9.60
N SER A 241 11.80 -17.46 -8.90
CA SER A 241 11.81 -17.64 -7.45
C SER A 241 12.35 -19.01 -7.06
N ILE A 242 11.98 -20.05 -7.82
CA ILE A 242 12.56 -21.37 -7.60
C ILE A 242 14.02 -21.39 -8.00
N GLY A 243 14.36 -20.73 -9.11
CA GLY A 243 15.72 -20.74 -9.62
C GLY A 243 16.73 -20.00 -8.76
N ILE A 244 16.27 -19.06 -7.95
CA ILE A 244 17.17 -18.39 -7.01
C ILE A 244 17.62 -19.36 -5.93
N ASP A 245 16.70 -20.17 -5.41
CA ASP A 245 17.04 -21.06 -4.31
C ASP A 245 17.80 -22.30 -4.76
N ILE A 246 17.81 -22.62 -6.05
CA ILE A 246 18.51 -23.79 -6.54
C ILE A 246 19.75 -23.42 -7.36
N ILE A 247 20.30 -22.22 -7.12
CA ILE A 247 21.47 -21.78 -7.87
C ILE A 247 22.71 -22.59 -7.49
N HIS A 248 22.74 -23.14 -6.28
CA HIS A 248 23.83 -24.00 -5.85
C HIS A 248 23.58 -25.47 -6.16
N ASP A 249 22.50 -25.79 -6.87
CA ASP A 249 22.08 -27.11 -7.33
C ASP A 249 21.94 -28.08 -6.16
N PRO A 250 20.90 -27.97 -5.35
CA PRO A 250 20.74 -28.89 -4.22
C PRO A 250 20.30 -30.27 -4.66
N ILE A 251 20.59 -31.26 -3.81
CA ILE A 251 20.11 -32.61 -4.03
C ILE A 251 18.87 -32.91 -3.21
N VAL A 252 18.47 -32.01 -2.33
CA VAL A 252 17.22 -32.10 -1.57
C VAL A 252 16.55 -30.75 -1.68
N LEU A 253 15.31 -30.73 -2.15
CA LEU A 253 14.62 -29.47 -2.46
C LEU A 253 13.26 -29.48 -1.79
N PHE A 254 13.04 -28.54 -0.88
CA PHE A 254 11.74 -28.34 -0.25
C PHE A 254 11.09 -27.10 -0.83
N LEU A 255 9.79 -27.19 -1.13
CA LEU A 255 9.05 -26.07 -1.68
C LEU A 255 7.75 -25.92 -0.91
N ASP A 256 7.49 -24.71 -0.40
CA ASP A 256 6.24 -24.41 0.28
C ASP A 256 5.28 -23.81 -0.75
N GLU A 257 4.40 -24.67 -1.29
CA GLU A 257 3.36 -24.37 -2.28
C GLU A 257 3.91 -23.64 -3.50
N PRO A 258 4.64 -24.33 -4.39
CA PRO A 258 5.18 -23.66 -5.58
C PRO A 258 4.17 -23.44 -6.68
N THR A 259 2.94 -23.93 -6.53
CA THR A 259 1.91 -23.78 -7.54
C THR A 259 0.77 -22.87 -7.08
N SER A 260 0.93 -22.18 -5.96
CA SER A 260 -0.11 -21.30 -5.45
C SER A 260 -0.18 -20.01 -6.24
N GLY A 261 -1.39 -19.60 -6.61
CA GLY A 261 -1.63 -18.38 -7.33
C GLY A 261 -1.60 -18.52 -8.83
N LEU A 262 -1.08 -19.64 -9.33
CA LEU A 262 -0.95 -19.84 -10.77
C LEU A 262 -2.21 -20.48 -11.33
N ASP A 263 -2.34 -20.42 -12.66
CA ASP A 263 -3.44 -21.06 -13.36
C ASP A 263 -3.10 -22.53 -13.59
N SER A 264 -3.93 -23.22 -14.38
CA SER A 264 -3.76 -24.66 -14.55
C SER A 264 -2.65 -25.01 -15.52
N THR A 265 -2.33 -24.11 -16.44
CA THR A 265 -1.33 -24.41 -17.46
C THR A 265 0.08 -23.98 -17.08
N SER A 266 0.23 -23.14 -16.05
CA SER A 266 1.55 -22.74 -15.60
C SER A 266 1.95 -23.38 -14.28
N ALA A 267 0.99 -23.90 -13.52
CA ALA A 267 1.31 -24.78 -12.41
C ALA A 267 1.79 -26.14 -12.89
N PHE A 268 1.38 -26.56 -14.09
CA PHE A 268 1.94 -27.74 -14.70
C PHE A 268 3.36 -27.49 -15.19
N MET A 269 3.65 -26.27 -15.63
CA MET A 269 5.00 -25.94 -16.08
C MET A 269 5.97 -25.85 -14.91
N VAL A 270 5.49 -25.50 -13.72
CA VAL A 270 6.36 -25.46 -12.54
C VAL A 270 6.74 -26.86 -12.10
N VAL A 271 5.76 -27.77 -12.04
CA VAL A 271 6.06 -29.16 -11.66
C VAL A 271 6.79 -29.89 -12.78
N LYS A 272 6.65 -29.47 -14.04
CA LYS A 272 7.40 -30.11 -15.10
C LYS A 272 8.88 -29.74 -15.09
N VAL A 273 9.23 -28.54 -14.62
CA VAL A 273 10.65 -28.24 -14.43
C VAL A 273 11.16 -28.78 -13.10
N LEU A 274 10.27 -28.99 -12.13
CA LEU A 274 10.67 -29.72 -10.92
C LEU A 274 10.87 -31.20 -11.23
N LYS A 275 10.12 -31.74 -12.19
CA LYS A 275 10.43 -33.08 -12.69
C LYS A 275 11.76 -33.09 -13.42
N ARG A 276 12.11 -31.99 -14.10
CA ARG A 276 13.41 -31.91 -14.76
C ARG A 276 14.53 -31.74 -13.74
N ILE A 277 14.24 -31.05 -12.63
CA ILE A 277 15.21 -30.98 -11.53
C ILE A 277 15.36 -32.34 -10.87
N ALA A 278 14.25 -32.98 -10.54
CA ALA A 278 14.25 -34.32 -9.96
C ALA A 278 14.28 -35.41 -11.02
N GLU A 279 15.23 -35.31 -11.94
CA GLU A 279 15.75 -36.44 -12.70
C GLU A 279 17.27 -36.41 -12.79
N SER A 280 17.91 -35.31 -12.39
CA SER A 280 19.35 -35.24 -12.26
C SER A 280 19.84 -35.69 -10.91
N GLY A 281 18.94 -35.93 -9.95
CA GLY A 281 19.35 -36.49 -8.67
C GLY A 281 18.74 -35.82 -7.45
N SER A 282 17.81 -34.91 -7.64
CA SER A 282 17.25 -34.16 -6.52
C SER A 282 16.07 -34.89 -5.89
N ILE A 283 15.98 -34.79 -4.57
CA ILE A 283 14.80 -35.20 -3.82
C ILE A 283 13.93 -33.97 -3.64
N ILE A 284 12.72 -34.00 -4.16
CA ILE A 284 11.83 -32.85 -4.14
C ILE A 284 10.60 -33.17 -3.29
N ILE A 285 10.36 -32.35 -2.26
CA ILE A 285 9.25 -32.50 -1.35
C ILE A 285 8.50 -31.17 -1.33
N MET A 286 7.27 -31.17 -1.83
CA MET A 286 6.53 -29.94 -2.01
C MET A 286 5.16 -30.04 -1.35
N SER A 287 4.64 -28.90 -0.93
CA SER A 287 3.25 -28.79 -0.52
C SER A 287 2.42 -28.34 -1.70
N ILE A 288 1.17 -28.81 -1.75
CA ILE A 288 0.27 -28.44 -2.83
C ILE A 288 -1.16 -28.48 -2.29
N HIS A 289 -1.96 -27.49 -2.67
CA HIS A 289 -3.33 -27.42 -2.19
C HIS A 289 -4.25 -28.32 -3.01
N GLN A 290 -4.36 -28.05 -4.31
CA GLN A 290 -5.24 -28.81 -5.20
C GLN A 290 -4.52 -29.03 -6.53
N PRO A 291 -3.91 -30.21 -6.72
CA PRO A 291 -3.18 -30.46 -7.97
C PRO A 291 -4.12 -30.78 -9.12
N SER A 292 -3.68 -30.40 -10.32
CA SER A 292 -4.39 -30.76 -11.54
C SER A 292 -4.20 -32.24 -11.85
N HIS A 293 -4.96 -32.72 -12.84
CA HIS A 293 -4.79 -34.11 -13.25
C HIS A 293 -3.54 -34.32 -14.07
N ARG A 294 -2.99 -33.27 -14.69
CA ARG A 294 -1.72 -33.40 -15.38
C ARG A 294 -0.58 -33.55 -14.39
N VAL A 295 -0.61 -32.81 -13.28
CA VAL A 295 0.40 -33.04 -12.25
C VAL A 295 -0.10 -34.07 -11.24
N LEU A 296 -0.18 -35.31 -11.70
CA LEU A 296 -0.27 -36.48 -10.83
C LEU A 296 0.55 -37.64 -11.35
N SER A 297 0.97 -37.63 -12.61
CA SER A 297 1.94 -38.57 -13.13
C SER A 297 3.37 -38.07 -12.96
N LEU A 298 3.54 -36.79 -12.62
CA LEU A 298 4.84 -36.25 -12.21
C LEU A 298 5.10 -36.53 -10.74
N LEU A 299 4.10 -36.32 -9.88
CA LEU A 299 4.23 -36.67 -8.47
C LEU A 299 4.21 -38.19 -8.31
N ASP A 300 5.26 -38.72 -7.71
CA ASP A 300 5.37 -40.16 -7.49
C ASP A 300 4.90 -40.61 -6.12
N ARG A 301 4.55 -39.67 -5.24
CA ARG A 301 4.10 -39.99 -3.89
C ARG A 301 3.26 -38.84 -3.37
N LEU A 302 2.24 -39.16 -2.59
CA LEU A 302 1.37 -38.16 -1.98
C LEU A 302 1.25 -38.43 -0.49
N ILE A 303 1.03 -37.36 0.27
CA ILE A 303 0.75 -37.43 1.70
C ILE A 303 -0.37 -36.45 2.00
N PHE A 304 -1.48 -36.96 2.56
CA PHE A 304 -2.60 -36.13 2.97
C PHE A 304 -2.55 -35.95 4.48
N LEU A 305 -2.77 -34.72 4.94
CA LEU A 305 -2.74 -34.40 6.36
C LEU A 305 -4.09 -33.85 6.80
N SER A 306 -4.43 -34.08 8.08
CA SER A 306 -5.66 -33.56 8.68
C SER A 306 -5.35 -33.16 10.11
N ARG A 307 -4.96 -31.89 10.31
CA ARG A 307 -4.46 -31.35 11.57
C ARG A 307 -3.30 -32.20 12.12
N GLY A 308 -2.25 -32.33 11.30
CA GLY A 308 -1.33 -33.42 11.47
C GLY A 308 -1.94 -34.68 10.91
N HIS A 309 -1.67 -35.82 11.55
CA HIS A 309 -2.48 -37.03 11.45
C HIS A 309 -2.62 -37.57 10.03
N THR A 310 -1.54 -38.07 9.43
CA THR A 310 -1.53 -38.52 8.04
C THR A 310 -2.61 -39.55 7.71
N VAL A 311 -3.51 -39.17 6.80
CA VAL A 311 -4.69 -39.98 6.50
C VAL A 311 -4.54 -40.76 5.20
N PHE A 312 -3.67 -40.33 4.29
CA PHE A 312 -3.28 -41.13 3.14
C PHE A 312 -1.83 -40.84 2.83
N SER A 313 -1.06 -41.89 2.55
CA SER A 313 0.37 -41.74 2.28
C SER A 313 0.79 -42.84 1.30
N GLY A 314 0.82 -42.51 0.02
CA GLY A 314 1.21 -43.50 -0.97
C GLY A 314 1.23 -42.92 -2.36
N SER A 315 1.40 -43.82 -3.33
CA SER A 315 1.40 -43.48 -4.74
C SER A 315 0.04 -42.93 -5.17
N PRO A 316 -0.01 -42.04 -6.18
CA PRO A 316 -1.32 -41.57 -6.66
C PRO A 316 -2.15 -42.63 -7.35
N ALA A 317 -1.54 -43.69 -7.85
CA ALA A 317 -2.30 -44.76 -8.49
C ALA A 317 -3.05 -45.61 -7.48
N SER A 318 -2.57 -45.65 -6.23
CA SER A 318 -3.23 -46.40 -5.17
C SER A 318 -4.29 -45.58 -4.45
N LEU A 319 -4.53 -44.34 -4.86
CA LEU A 319 -5.57 -43.49 -4.31
C LEU A 319 -6.99 -43.92 -4.71
N PRO A 320 -7.26 -44.44 -5.93
CA PRO A 320 -8.57 -45.10 -6.11
C PRO A 320 -8.78 -46.33 -5.23
N SER A 321 -7.79 -47.20 -5.14
CA SER A 321 -7.91 -48.38 -4.29
C SER A 321 -7.44 -48.12 -2.86
N PHE A 322 -7.90 -47.03 -2.28
CA PHE A 322 -7.73 -46.73 -0.87
C PHE A 322 -9.04 -46.38 -0.20
N PHE A 323 -9.89 -45.58 -0.85
CA PHE A 323 -11.13 -45.13 -0.27
C PHE A 323 -12.28 -46.09 -0.54
N ALA A 324 -12.14 -46.98 -1.51
CA ALA A 324 -13.11 -48.06 -1.69
C ALA A 324 -13.05 -49.03 -0.51
N GLY A 325 -11.84 -49.31 -0.03
CA GLY A 325 -11.70 -50.09 1.19
C GLY A 325 -12.15 -49.33 2.43
N PHE A 326 -12.02 -48.00 2.39
CA PHE A 326 -12.42 -47.18 3.53
C PHE A 326 -13.94 -47.13 3.67
N GLY A 327 -14.65 -47.02 2.56
CA GLY A 327 -16.09 -46.98 2.60
C GLY A 327 -16.73 -46.03 1.61
N ASN A 328 -15.90 -45.23 0.92
CA ASN A 328 -16.38 -44.24 -0.04
C ASN A 328 -15.67 -44.41 -1.36
N PRO A 329 -16.18 -45.28 -2.24
CA PRO A 329 -15.57 -45.42 -3.57
C PRO A 329 -15.78 -44.17 -4.41
N ILE A 330 -14.84 -43.94 -5.32
CA ILE A 330 -14.80 -42.73 -6.14
C ILE A 330 -15.28 -43.07 -7.54
N PRO A 331 -16.01 -42.18 -8.21
CA PRO A 331 -16.40 -42.44 -9.59
C PRO A 331 -15.34 -41.96 -10.57
N GLU A 332 -15.34 -42.54 -11.76
CA GLU A 332 -14.43 -42.15 -12.82
C GLU A 332 -14.91 -40.85 -13.47
N ASN A 333 -14.11 -40.36 -14.42
CA ASN A 333 -14.23 -39.03 -15.04
C ASN A 333 -14.28 -37.94 -13.99
N GLU A 334 -13.37 -38.03 -13.02
CA GLU A 334 -13.32 -37.15 -11.87
C GLU A 334 -11.90 -37.15 -11.34
N ASN A 335 -11.41 -35.97 -10.97
CA ASN A 335 -10.07 -35.86 -10.40
C ASN A 335 -10.05 -36.52 -9.02
N GLN A 336 -9.13 -37.48 -8.85
CA GLN A 336 -9.15 -38.32 -7.65
C GLN A 336 -8.68 -37.56 -6.42
N THR A 337 -7.70 -36.67 -6.58
CA THR A 337 -7.27 -35.84 -5.45
C THR A 337 -8.31 -34.77 -5.11
N GLU A 338 -9.17 -34.41 -6.07
CA GLU A 338 -10.24 -33.46 -5.77
C GLU A 338 -11.30 -34.11 -4.88
N PHE A 339 -11.65 -35.37 -5.17
CA PHE A 339 -12.66 -36.06 -4.36
C PHE A 339 -12.10 -36.48 -3.01
N ALA A 340 -10.79 -36.77 -2.95
CA ALA A 340 -10.17 -37.18 -1.70
C ALA A 340 -9.91 -36.03 -0.75
N LEU A 341 -10.11 -34.78 -1.19
CA LEU A 341 -9.86 -33.61 -0.35
C LEU A 341 -11.14 -33.01 0.22
N ASP A 342 -12.19 -32.87 -0.58
CA ASP A 342 -13.45 -32.36 -0.04
C ASP A 342 -14.20 -33.41 0.78
N LEU A 343 -13.83 -34.69 0.64
CA LEU A 343 -14.36 -35.72 1.52
C LEU A 343 -13.88 -35.51 2.94
N ILE A 344 -12.64 -35.08 3.12
CA ILE A 344 -12.08 -34.90 4.46
C ILE A 344 -12.65 -33.66 5.14
N ARG A 345 -12.87 -32.57 4.41
CA ARG A 345 -13.34 -31.34 5.01
C ARG A 345 -14.82 -31.37 5.40
N GLU A 346 -15.53 -32.46 5.11
CA GLU A 346 -16.85 -32.71 5.67
C GLU A 346 -16.86 -33.91 6.61
N LEU A 347 -15.70 -34.53 6.86
CA LEU A 347 -15.63 -35.74 7.66
C LEU A 347 -15.19 -35.48 9.10
N GLU A 348 -14.59 -34.31 9.38
CA GLU A 348 -14.18 -34.02 10.75
C GLU A 348 -15.36 -33.75 11.67
N GLY A 349 -16.50 -33.33 11.12
CA GLY A 349 -17.79 -33.25 11.79
C GLY A 349 -17.86 -32.53 13.12
N SER A 350 -18.82 -32.92 13.94
CA SER A 350 -18.94 -32.48 15.32
C SER A 350 -19.02 -33.64 16.30
N ALA A 351 -19.69 -34.73 15.92
CA ALA A 351 -19.78 -35.92 16.75
C ALA A 351 -18.95 -37.08 16.22
N GLY A 352 -18.41 -36.98 15.00
CA GLY A 352 -17.61 -38.04 14.43
C GLY A 352 -16.12 -37.76 14.54
N GLY A 353 -15.51 -37.33 13.44
CA GLY A 353 -14.10 -37.00 13.44
C GLY A 353 -13.29 -37.72 12.40
N THR A 354 -12.07 -37.24 12.16
CA THR A 354 -11.15 -37.86 11.22
C THR A 354 -10.44 -39.09 11.78
N ARG A 355 -10.73 -39.47 13.04
CA ARG A 355 -10.04 -40.57 13.69
C ARG A 355 -10.34 -41.90 13.03
N GLY A 356 -11.50 -42.03 12.39
CA GLY A 356 -11.79 -43.22 11.60
C GLY A 356 -10.96 -43.31 10.35
N LEU A 357 -10.50 -42.17 9.83
CA LEU A 357 -9.67 -42.13 8.63
C LEU A 357 -8.18 -42.19 8.94
N VAL A 358 -7.76 -41.72 10.13
CA VAL A 358 -6.36 -41.77 10.51
C VAL A 358 -5.91 -43.21 10.74
N GLU A 359 -6.68 -43.97 11.51
CA GLU A 359 -6.32 -45.35 11.82
C GLU A 359 -6.50 -46.29 10.63
N PHE A 360 -7.22 -45.86 9.58
CA PHE A 360 -7.26 -46.65 8.35
C PHE A 360 -6.03 -46.44 7.49
N ASN A 361 -5.30 -45.33 7.69
CA ASN A 361 -4.09 -45.09 6.91
C ASN A 361 -3.00 -46.09 7.27
N LYS A 362 -2.82 -46.35 8.57
CA LYS A 362 -1.85 -47.36 9.00
C LYS A 362 -2.31 -48.78 8.68
N LYS A 363 -3.61 -48.99 8.45
CA LYS A 363 -4.08 -50.27 7.94
C LYS A 363 -3.58 -50.51 6.52
N TRP A 364 -3.63 -49.49 5.67
CA TRP A 364 -3.27 -49.65 4.27
C TRP A 364 -1.76 -49.75 4.06
N GLN A 365 -0.97 -49.13 4.95
CA GLN A 365 0.48 -49.20 4.82
C GLN A 365 1.05 -50.53 5.29
N GLU A 366 0.34 -51.26 6.14
CA GLU A 366 0.87 -52.52 6.65
C GLU A 366 0.72 -53.64 5.62
N MET A 367 -0.33 -53.61 4.81
CA MET A 367 -0.61 -54.69 3.88
C MET A 367 0.10 -54.55 2.54
N LYS A 368 0.70 -53.39 2.25
CA LYS A 368 1.41 -53.24 0.99
C LYS A 368 2.88 -53.63 1.06
N LYS A 369 3.40 -53.98 2.25
CA LYS A 369 4.79 -54.40 2.33
C LYS A 369 5.00 -55.83 1.85
N GLN A 370 3.92 -56.60 1.68
CA GLN A 370 4.00 -57.94 1.10
C GLN A 370 4.03 -57.78 -0.42
N SER A 371 5.21 -57.45 -0.94
CA SER A 371 5.38 -57.24 -2.37
C SER A 371 6.05 -58.45 -3.02
N LEU A 386 28.20 -47.92 1.18
CA LEU A 386 28.50 -46.54 0.83
C LEU A 386 27.99 -45.58 1.89
N THR A 387 28.86 -44.69 2.36
CA THR A 387 28.47 -43.71 3.35
C THR A 387 27.73 -42.55 2.69
N LEU A 388 27.17 -41.67 3.52
CA LEU A 388 26.49 -40.50 3.00
C LEU A 388 27.47 -39.45 2.50
N LYS A 389 28.59 -39.28 3.21
CA LYS A 389 29.57 -38.25 2.84
C LYS A 389 30.27 -38.60 1.53
N GLU A 390 30.38 -39.88 1.21
CA GLU A 390 30.92 -40.29 -0.08
C GLU A 390 29.86 -40.32 -1.17
N ALA A 391 28.57 -40.44 -0.81
CA ALA A 391 27.50 -40.32 -1.79
C ALA A 391 27.27 -38.86 -2.18
N ILE A 392 27.48 -37.94 -1.23
CA ILE A 392 27.43 -36.51 -1.56
C ILE A 392 28.57 -36.15 -2.49
N SER A 393 29.76 -36.67 -2.22
CA SER A 393 30.91 -36.42 -3.08
C SER A 393 30.79 -37.15 -4.42
N ALA A 394 29.98 -38.20 -4.50
CA ALA A 394 29.69 -38.84 -5.77
C ALA A 394 28.74 -38.02 -6.62
N SER A 395 27.97 -37.11 -6.01
CA SER A 395 27.12 -36.22 -6.77
C SER A 395 27.92 -35.10 -7.41
N ILE A 396 28.95 -34.61 -6.72
CA ILE A 396 29.81 -33.58 -7.26
C ILE A 396 30.70 -34.14 -8.38
N SER A 397 30.96 -35.44 -8.37
CA SER A 397 31.67 -36.07 -9.47
C SER A 397 30.84 -36.06 -10.76
N ARG A 398 29.55 -36.37 -10.64
CA ARG A 398 28.64 -36.16 -11.77
C ARG A 398 28.47 -34.67 -12.04
N GLY A 399 28.43 -33.89 -10.97
CA GLY A 399 28.12 -32.47 -10.96
C GLY A 399 26.69 -32.32 -10.52
N LYS A 400 26.50 -32.21 -9.20
CA LYS A 400 25.17 -32.04 -8.63
C LYS A 400 25.25 -31.18 -7.36
N LEU A 401 26.36 -30.47 -7.16
CA LEU A 401 26.50 -29.55 -6.03
C LEU A 401 27.54 -28.52 -6.42
N VAL A 402 27.11 -27.28 -6.65
CA VAL A 402 28.05 -26.25 -7.04
C VAL A 402 28.82 -25.72 -5.84
N SER A 403 28.12 -25.48 -4.73
CA SER A 403 28.75 -24.97 -3.52
C SER A 403 29.25 -26.12 -2.64
N PRO A 422 32.50 -22.76 4.60
CA PRO A 422 32.31 -21.39 5.09
C PRO A 422 30.84 -21.04 5.27
N ALA A 423 30.55 -20.14 6.22
CA ALA A 423 29.17 -19.71 6.42
C ALA A 423 28.71 -18.81 5.28
N PHE A 424 29.57 -17.92 4.82
CA PHE A 424 29.28 -17.03 3.71
C PHE A 424 30.31 -17.25 2.61
N ALA A 425 29.84 -17.29 1.37
CA ALA A 425 30.72 -17.59 0.25
C ALA A 425 31.65 -16.45 -0.11
N ASN A 426 31.33 -15.22 0.32
CA ASN A 426 32.09 -14.04 -0.04
C ASN A 426 32.60 -13.36 1.23
N PRO A 427 33.69 -12.60 1.13
CA PRO A 427 34.07 -11.72 2.24
C PRO A 427 33.09 -10.56 2.38
N PHE A 428 33.27 -9.79 3.46
CA PHE A 428 32.35 -8.70 3.73
C PHE A 428 32.52 -7.55 2.75
N TRP A 429 33.64 -7.47 2.04
CA TRP A 429 33.88 -6.41 1.06
C TRP A 429 33.52 -6.82 -0.35
N ILE A 430 33.33 -8.11 -0.62
CA ILE A 430 32.88 -8.56 -1.93
C ILE A 430 31.36 -8.50 -2.04
N GLU A 431 30.65 -8.95 -1.01
CA GLU A 431 29.19 -8.87 -0.99
C GLU A 431 28.67 -7.49 -0.60
N ILE A 432 29.57 -6.53 -0.36
CA ILE A 432 29.17 -5.15 -0.17
C ILE A 432 29.23 -4.37 -1.48
N LYS A 433 29.92 -4.90 -2.50
CA LYS A 433 29.89 -4.31 -3.83
C LYS A 433 28.87 -4.97 -4.74
N THR A 434 28.37 -6.15 -4.36
CA THR A 434 27.29 -6.80 -5.07
C THR A 434 25.93 -6.29 -4.63
N LEU A 435 25.77 -6.04 -3.33
CA LEU A 435 24.57 -5.39 -2.83
C LEU A 435 24.50 -3.94 -3.26
N THR A 436 25.67 -3.30 -3.41
CA THR A 436 25.72 -1.95 -4.00
C THR A 436 25.30 -1.98 -5.46
N ARG A 437 25.77 -2.98 -6.22
CA ARG A 437 25.44 -3.06 -7.64
C ARG A 437 23.98 -3.42 -7.87
N ARG A 438 23.36 -4.16 -6.95
CA ARG A 438 21.92 -4.39 -7.02
C ARG A 438 21.14 -3.11 -6.80
N SER A 439 21.51 -2.36 -5.76
CA SER A 439 20.73 -1.18 -5.39
C SER A 439 20.95 -0.03 -6.35
N ILE A 440 22.11 0.00 -7.02
CA ILE A 440 22.32 0.95 -8.09
C ILE A 440 21.43 0.61 -9.29
N LEU A 441 21.43 -0.67 -9.68
CA LEU A 441 20.65 -1.10 -10.84
C LEU A 441 19.15 -1.05 -10.57
N ASN A 442 18.73 -1.26 -9.33
CA ASN A 442 17.31 -1.23 -9.01
C ASN A 442 16.77 0.19 -8.92
N SER A 443 17.63 1.18 -8.74
CA SER A 443 17.22 2.58 -8.70
C SER A 443 17.51 3.33 -9.98
N ARG A 444 18.53 2.92 -10.74
CA ARG A 444 18.77 3.50 -12.05
C ARG A 444 17.66 3.17 -13.02
N ARG A 445 17.09 1.98 -12.92
CA ARG A 445 15.96 1.57 -13.75
C ARG A 445 14.62 1.92 -13.13
N GLN A 446 14.63 2.59 -11.98
CA GLN A 446 13.40 3.09 -11.35
C GLN A 446 13.61 4.56 -10.98
N PRO A 447 13.72 5.44 -11.98
CA PRO A 447 14.17 6.80 -11.70
C PRO A 447 13.10 7.78 -11.24
N GLU A 448 11.83 7.36 -11.17
CA GLU A 448 10.77 8.20 -10.64
C GLU A 448 10.67 8.12 -9.14
N LEU A 449 11.60 7.43 -8.49
CA LEU A 449 11.76 7.42 -7.04
C LEU A 449 12.63 8.56 -6.55
N LEU A 450 13.77 8.79 -7.19
CA LEU A 450 14.48 10.06 -7.06
C LEU A 450 14.11 10.99 -8.22
N GLY A 451 12.81 11.09 -8.46
CA GLY A 451 12.25 12.14 -9.28
C GLY A 451 11.17 12.80 -8.47
N MET A 452 10.59 12.01 -7.56
CA MET A 452 9.56 12.48 -6.66
C MET A 452 10.13 12.95 -5.33
N ARG A 453 11.21 12.31 -4.86
CA ARG A 453 11.92 12.82 -3.70
C ARG A 453 12.79 14.02 -4.05
N LEU A 454 13.22 14.13 -5.31
CA LEU A 454 13.96 15.30 -5.78
C LEU A 454 13.04 16.48 -6.00
N ALA A 455 11.87 16.28 -6.61
CA ALA A 455 10.89 17.34 -6.75
C ALA A 455 9.91 17.35 -5.57
N THR A 456 10.47 17.30 -4.37
CA THR A 456 9.76 17.58 -3.13
C THR A 456 10.67 18.48 -2.31
N VAL A 457 11.99 18.34 -2.52
CA VAL A 457 12.95 19.24 -1.90
C VAL A 457 13.26 20.44 -2.79
N ILE A 458 12.90 20.39 -4.06
CA ILE A 458 13.02 21.53 -4.96
C ILE A 458 11.75 22.38 -4.91
N VAL A 459 10.59 21.74 -4.81
CA VAL A 459 9.34 22.46 -4.69
C VAL A 459 9.24 23.15 -3.33
N THR A 460 9.58 22.43 -2.25
CA THR A 460 9.67 23.07 -0.94
C THR A 460 10.82 24.06 -0.89
N GLY A 461 11.91 23.77 -1.61
CA GLY A 461 13.01 24.71 -1.69
C GLY A 461 12.65 25.97 -2.43
N PHE A 462 11.85 25.86 -3.50
CA PHE A 462 11.38 27.05 -4.21
C PHE A 462 10.34 27.82 -3.41
N ILE A 463 9.49 27.12 -2.67
CA ILE A 463 8.48 27.79 -1.86
C ILE A 463 9.13 28.52 -0.69
N LEU A 464 10.02 27.85 0.04
CA LEU A 464 10.66 28.45 1.20
C LEU A 464 11.59 29.59 0.83
N ALA A 465 12.15 29.58 -0.38
CA ALA A 465 13.04 30.65 -0.82
C ALA A 465 12.28 31.90 -1.26
N THR A 466 11.07 31.75 -1.77
CA THR A 466 10.30 32.88 -2.27
C THR A 466 9.38 33.48 -1.23
N VAL A 467 8.92 32.69 -0.26
CA VAL A 467 8.18 33.23 0.87
C VAL A 467 9.12 34.00 1.80
N PHE A 468 10.20 33.35 2.20
CA PHE A 468 11.22 33.98 3.02
C PHE A 468 12.30 34.63 2.15
N TRP A 469 11.89 35.46 1.20
CA TRP A 469 12.83 36.03 0.24
C TRP A 469 13.52 37.24 0.85
N ARG A 470 14.83 37.11 1.09
CA ARG A 470 15.73 38.18 1.55
C ARG A 470 15.20 38.82 2.84
N LEU A 471 15.20 38.01 3.89
CA LEU A 471 14.67 38.44 5.18
C LEU A 471 15.52 39.56 5.77
N ASP A 472 14.84 40.58 6.30
CA ASP A 472 15.52 41.73 6.85
C ASP A 472 15.94 41.46 8.29
N ASN A 473 16.57 42.45 8.91
CA ASN A 473 17.04 42.35 10.28
C ASN A 473 16.05 42.96 11.27
N SER A 474 14.77 42.88 10.95
CA SER A 474 13.71 43.30 11.85
C SER A 474 13.61 42.30 12.99
N PRO A 475 12.98 42.67 14.11
CA PRO A 475 12.65 41.66 15.12
C PRO A 475 11.64 40.63 14.64
N LYS A 476 10.79 40.99 13.68
CA LYS A 476 9.86 40.06 13.07
C LYS A 476 10.51 39.24 11.96
N GLY A 477 11.57 39.76 11.35
CA GLY A 477 12.38 38.99 10.41
C GLY A 477 13.36 38.04 11.06
N VAL A 478 13.54 38.14 12.38
CA VAL A 478 14.29 37.15 13.14
C VAL A 478 13.42 35.93 13.41
N GLN A 479 12.17 36.15 13.82
CA GLN A 479 11.23 35.06 14.05
C GLN A 479 10.88 34.33 12.76
N GLU A 480 11.00 34.99 11.61
CA GLU A 480 10.84 34.33 10.33
C GLU A 480 12.06 33.51 9.95
N ARG A 481 13.24 33.84 10.47
CA ARG A 481 14.39 32.96 10.31
C ARG A 481 14.22 31.69 11.15
N LEU A 482 13.72 31.82 12.37
CA LEU A 482 13.40 30.65 13.18
C LEU A 482 12.30 29.82 12.57
N GLY A 483 11.36 30.45 11.86
CA GLY A 483 10.34 29.72 11.13
C GLY A 483 10.79 29.17 9.80
N PHE A 484 11.77 29.82 9.16
CA PHE A 484 12.38 29.22 7.98
C PHE A 484 13.17 27.98 8.36
N PHE A 485 14.06 28.10 9.33
CA PHE A 485 14.96 27.01 9.72
C PHE A 485 14.24 25.84 10.36
N ALA A 486 13.06 26.05 10.94
CA ALA A 486 12.29 24.94 11.46
C ALA A 486 11.56 24.21 10.36
N PHE A 487 11.06 24.94 9.36
CA PHE A 487 10.42 24.31 8.23
C PHE A 487 11.43 23.72 7.26
N ALA A 488 12.61 24.34 7.14
CA ALA A 488 13.64 23.80 6.27
C ALA A 488 14.18 22.49 6.81
N MET A 489 14.62 22.48 8.07
CA MET A 489 15.23 21.30 8.66
C MET A 489 14.25 20.17 8.91
N SER A 490 12.95 20.41 8.83
CA SER A 490 11.96 19.34 8.90
C SER A 490 11.64 18.75 7.54
N THR A 491 11.96 19.45 6.45
CA THR A 491 11.83 18.89 5.11
C THR A 491 12.80 17.73 4.91
N MET A 492 13.98 17.83 5.53
CA MET A 492 14.99 16.80 5.40
C MET A 492 14.59 15.51 6.09
N PHE A 493 13.68 15.58 7.05
CA PHE A 493 13.22 14.40 7.75
C PHE A 493 11.93 13.85 7.15
N TYR A 494 11.10 14.72 6.59
CA TYR A 494 9.84 14.30 5.99
C TYR A 494 10.00 13.77 4.57
N THR A 495 11.00 14.25 3.83
CA THR A 495 11.26 13.70 2.51
C THR A 495 12.05 12.40 2.56
N CYS A 496 12.69 12.09 3.68
CA CYS A 496 13.31 10.80 3.89
C CYS A 496 12.32 9.73 4.30
N ALA A 497 11.11 10.11 4.66
CA ALA A 497 10.04 9.18 4.99
C ALA A 497 9.28 8.70 3.77
N ASP A 498 9.57 9.28 2.60
CA ASP A 498 8.99 8.80 1.35
C ASP A 498 9.65 7.51 0.88
N ALA A 499 10.83 7.18 1.40
CA ALA A 499 11.55 5.98 1.03
C ALA A 499 11.14 4.76 1.82
N LEU A 500 10.15 4.90 2.70
CA LEU A 500 9.63 3.80 3.50
C LEU A 500 8.91 2.70 2.70
N PRO A 501 8.26 2.98 1.55
CA PRO A 501 7.90 1.85 0.65
C PRO A 501 9.08 1.01 0.20
N VAL A 502 10.09 1.60 -0.45
CA VAL A 502 11.26 0.80 -0.78
C VAL A 502 12.29 0.95 0.35
N PHE A 503 11.92 0.41 1.51
CA PHE A 503 12.76 -0.03 2.61
C PHE A 503 12.25 -1.33 3.21
N LEU A 504 10.94 -1.55 3.16
CA LEU A 504 10.32 -2.81 3.53
C LEU A 504 10.46 -3.81 2.39
N GLN A 505 10.38 -3.31 1.15
CA GLN A 505 10.52 -4.17 -0.02
C GLN A 505 11.94 -4.71 -0.14
N GLU A 506 12.93 -3.93 0.27
CA GLU A 506 14.31 -4.42 0.26
C GLU A 506 14.63 -5.31 1.44
N ARG A 507 13.82 -5.29 2.50
CA ARG A 507 14.07 -6.12 3.66
C ARG A 507 13.11 -7.29 3.77
N TYR A 508 12.08 -7.36 2.93
CA TYR A 508 11.36 -8.61 2.77
C TYR A 508 12.08 -9.55 1.83
N ILE A 509 12.91 -9.00 0.94
CA ILE A 509 13.79 -9.81 0.10
C ILE A 509 15.05 -10.18 0.88
N PHE A 510 15.47 -9.33 1.81
CA PHE A 510 16.63 -9.62 2.65
C PHE A 510 16.36 -10.79 3.58
N MET A 511 15.14 -10.88 4.11
CA MET A 511 14.79 -12.00 4.98
C MET A 511 14.67 -13.31 4.21
N ARG A 512 14.42 -13.25 2.91
CA ARG A 512 14.50 -14.45 2.07
C ARG A 512 15.94 -14.90 1.92
N GLU A 513 16.83 -13.97 1.62
CA GLU A 513 18.23 -14.26 1.31
C GLU A 513 19.11 -14.38 2.54
N THR A 514 18.59 -14.12 3.74
CA THR A 514 19.34 -14.38 4.96
C THR A 514 19.27 -15.85 5.35
N ALA A 515 18.22 -16.55 4.93
CA ALA A 515 18.05 -17.96 5.26
C ALA A 515 19.08 -18.85 4.57
N TYR A 516 19.66 -18.39 3.46
CA TYR A 516 20.68 -19.13 2.73
C TYR A 516 22.08 -18.64 3.03
N ASN A 517 22.21 -17.62 3.88
CA ASN A 517 23.46 -16.89 4.15
C ASN A 517 24.08 -16.40 2.85
N ALA A 518 23.26 -15.71 2.06
CA ALA A 518 23.75 -15.09 0.83
C ALA A 518 24.71 -13.95 1.14
N TYR A 519 24.40 -13.18 2.17
CA TYR A 519 25.27 -12.10 2.64
C TYR A 519 24.99 -11.88 4.12
N ARG A 520 25.86 -11.11 4.75
CA ARG A 520 25.73 -10.83 6.17
C ARG A 520 24.71 -9.72 6.40
N ARG A 521 24.28 -9.60 7.66
CA ARG A 521 23.44 -8.47 8.03
C ARG A 521 24.24 -7.19 8.13
N SER A 522 25.54 -7.29 8.45
CA SER A 522 26.39 -6.11 8.46
C SER A 522 26.63 -5.59 7.05
N SER A 523 26.80 -6.49 6.09
CA SER A 523 26.99 -6.08 4.70
C SER A 523 25.72 -5.56 4.07
N TYR A 524 24.55 -5.83 4.66
CA TYR A 524 23.31 -5.28 4.13
C TYR A 524 23.05 -3.88 4.66
N VAL A 525 23.35 -3.64 5.93
CA VAL A 525 23.14 -2.34 6.54
C VAL A 525 24.18 -1.34 6.03
N LEU A 526 25.41 -1.81 5.82
CA LEU A 526 26.47 -0.92 5.35
C LEU A 526 26.32 -0.58 3.88
N SER A 527 25.90 -1.52 3.05
CA SER A 527 25.76 -1.25 1.63
C SER A 527 24.48 -0.50 1.30
N HIS A 528 23.54 -0.39 2.23
CA HIS A 528 22.35 0.40 2.02
C HIS A 528 22.45 1.77 2.67
N ALA A 529 23.43 1.97 3.54
CA ALA A 529 23.83 3.32 3.93
C ALA A 529 24.74 3.95 2.88
N ILE A 530 25.36 3.14 2.04
CA ILE A 530 26.30 3.62 1.04
C ILE A 530 25.59 4.08 -0.23
N VAL A 531 24.60 3.31 -0.71
CA VAL A 531 23.98 3.62 -1.99
C VAL A 531 23.06 4.83 -1.90
N THR A 532 22.49 5.09 -0.73
CA THR A 532 21.62 6.25 -0.58
C THR A 532 22.39 7.54 -0.43
N PHE A 533 23.67 7.49 -0.09
CA PHE A 533 24.44 8.69 0.19
C PHE A 533 24.74 9.59 -1.02
N PRO A 534 25.04 9.09 -2.23
CA PRO A 534 25.10 10.02 -3.38
C PRO A 534 23.76 10.59 -3.77
N SER A 535 22.65 9.90 -3.45
CA SER A 535 21.34 10.49 -3.60
C SER A 535 21.11 11.62 -2.62
N LEU A 536 21.65 11.50 -1.40
CA LEU A 536 21.46 12.53 -0.39
C LEU A 536 22.38 13.72 -0.57
N ILE A 537 23.52 13.55 -1.25
CA ILE A 537 24.39 14.69 -1.55
C ILE A 537 23.74 15.57 -2.60
N PHE A 538 23.03 14.97 -3.56
CA PHE A 538 22.35 15.76 -4.59
C PHE A 538 21.10 16.45 -4.03
N LEU A 539 20.40 15.81 -3.11
CA LEU A 539 19.28 16.44 -2.43
C LEU A 539 19.72 17.55 -1.50
N SER A 540 20.95 17.49 -1.00
CA SER A 540 21.46 18.51 -0.09
C SER A 540 21.98 19.73 -0.82
N LEU A 541 22.49 19.55 -2.03
CA LEU A 541 22.90 20.69 -2.85
C LEU A 541 21.72 21.34 -3.54
N ALA A 542 20.67 20.58 -3.84
CA ALA A 542 19.48 21.15 -4.45
C ALA A 542 18.71 22.01 -3.47
N PHE A 543 18.69 21.63 -2.19
CA PHE A 543 17.98 22.43 -1.20
C PHE A 543 18.82 23.61 -0.72
N ALA A 544 20.14 23.50 -0.79
CA ALA A 544 20.98 24.58 -0.27
C ALA A 544 21.20 25.70 -1.26
N VAL A 545 21.37 25.41 -2.55
CA VAL A 545 21.56 26.49 -3.50
C VAL A 545 20.25 27.19 -3.81
N THR A 546 19.11 26.57 -3.50
CA THR A 546 17.83 27.23 -3.70
C THR A 546 17.55 28.22 -2.57
N THR A 547 17.96 27.88 -1.35
CA THR A 547 17.52 28.61 -0.16
C THR A 547 18.62 29.38 0.56
N PHE A 548 19.88 29.29 0.16
CA PHE A 548 20.88 30.07 0.88
C PHE A 548 20.91 31.51 0.39
N TRP A 549 21.09 31.70 -0.92
CA TRP A 549 21.24 33.03 -1.49
C TRP A 549 19.90 33.74 -1.65
N ALA A 550 18.79 33.00 -1.68
CA ALA A 550 17.48 33.58 -1.88
C ALA A 550 16.84 34.04 -0.57
N VAL A 551 16.99 33.25 0.49
CA VAL A 551 16.58 33.71 1.81
C VAL A 551 17.57 34.74 2.35
N GLY A 552 18.81 34.72 1.87
CA GLY A 552 19.77 35.70 2.30
C GLY A 552 20.40 35.30 3.61
N LEU A 553 20.86 34.06 3.68
CA LEU A 553 21.41 33.55 4.92
C LEU A 553 22.84 34.04 5.11
N GLU A 554 23.26 34.09 6.36
CA GLU A 554 24.55 34.67 6.73
C GLU A 554 25.62 33.59 6.75
N GLY A 555 26.85 34.02 6.48
CA GLY A 555 27.98 33.12 6.51
C GLY A 555 28.93 33.30 5.34
N GLY A 556 28.41 33.75 4.23
CA GLY A 556 29.21 33.91 3.02
C GLY A 556 29.31 32.61 2.25
N LEU A 557 30.53 32.12 2.06
CA LEU A 557 30.76 30.83 1.44
C LEU A 557 31.13 29.75 2.44
N MET A 558 31.77 30.11 3.56
CA MET A 558 32.01 29.16 4.62
C MET A 558 30.78 28.92 5.49
N GLY A 559 29.74 29.72 5.33
CA GLY A 559 28.47 29.45 5.99
C GLY A 559 27.55 28.70 5.06
N PHE A 560 27.89 28.70 3.77
CA PHE A 560 27.16 27.90 2.80
C PHE A 560 27.62 26.45 2.81
N LEU A 561 28.93 26.23 2.98
CA LEU A 561 29.45 24.88 3.07
C LEU A 561 28.96 24.17 4.33
N PHE A 562 28.85 24.91 5.44
CA PHE A 562 28.24 24.33 6.62
C PHE A 562 26.75 24.11 6.43
N TYR A 563 26.11 24.98 5.63
CA TYR A 563 24.69 24.82 5.35
C TYR A 563 24.44 23.56 4.53
N CYS A 564 25.32 23.24 3.59
CA CYS A 564 25.21 21.98 2.86
C CYS A 564 25.49 20.78 3.75
N LEU A 565 26.41 20.93 4.71
CA LEU A 565 26.79 19.81 5.57
C LEU A 565 25.69 19.46 6.55
N ILE A 566 24.97 20.46 7.07
CA ILE A 566 23.91 20.21 8.03
C ILE A 566 22.61 19.77 7.35
N ILE A 567 22.43 20.09 6.07
CA ILE A 567 21.33 19.50 5.31
C ILE A 567 21.63 18.05 4.98
N LEU A 568 22.90 17.76 4.67
CA LEU A 568 23.32 16.40 4.35
C LEU A 568 23.28 15.50 5.58
N ALA A 569 23.68 16.04 6.74
CA ALA A 569 23.57 15.29 7.98
C ALA A 569 22.13 15.10 8.41
N SER A 570 21.23 16.00 8.03
CA SER A 570 19.81 15.85 8.34
C SER A 570 19.13 14.88 7.39
N PHE A 571 19.60 14.81 6.15
CA PHE A 571 19.15 13.75 5.25
C PHE A 571 19.70 12.41 5.70
N TRP A 572 20.92 12.38 6.24
CA TRP A 572 21.53 11.14 6.71
C TRP A 572 20.88 10.67 8.01
N SER A 573 20.59 11.59 8.92
CA SER A 573 19.91 11.24 10.16
C SER A 573 18.45 10.91 9.95
N GLY A 574 17.83 11.45 8.90
CA GLY A 574 16.44 11.19 8.61
C GLY A 574 16.24 9.91 7.81
N SER A 575 17.19 9.58 6.94
CA SER A 575 17.13 8.31 6.23
C SER A 575 17.39 7.14 7.16
N SER A 576 18.26 7.33 8.14
CA SER A 576 18.59 6.28 9.09
C SER A 576 17.44 6.02 10.06
N PHE A 577 16.68 7.05 10.39
CA PHE A 577 15.54 6.89 11.29
C PHE A 577 14.38 6.18 10.61
N VAL A 578 14.13 6.48 9.34
CA VAL A 578 13.10 5.79 8.58
C VAL A 578 13.54 4.37 8.25
N THR A 579 14.84 4.16 8.05
CA THR A 579 15.37 2.81 7.91
C THR A 579 15.23 2.02 9.21
N PHE A 580 15.45 2.69 10.34
CA PHE A 580 15.22 2.05 11.65
C PHE A 580 13.75 1.76 11.85
N LEU A 581 12.87 2.68 11.44
CA LEU A 581 11.43 2.44 11.51
C LEU A 581 10.94 1.71 10.26
N SER A 582 11.61 0.62 9.91
CA SER A 582 11.11 -0.35 8.94
C SER A 582 11.38 -1.77 9.38
N GLY A 583 12.28 -1.99 10.34
CA GLY A 583 12.37 -3.24 11.03
C GLY A 583 11.46 -3.34 12.22
N VAL A 584 10.73 -2.28 12.51
CA VAL A 584 9.81 -2.24 13.64
C VAL A 584 8.34 -2.24 13.20
N VAL A 585 8.03 -1.71 12.02
CA VAL A 585 6.64 -1.67 11.56
C VAL A 585 6.41 -2.74 10.50
N PRO A 586 5.27 -3.45 10.54
CA PRO A 586 4.97 -4.42 9.50
C PRO A 586 4.51 -3.78 8.20
N HIS A 587 3.65 -2.77 8.34
CA HIS A 587 2.88 -2.23 7.22
C HIS A 587 3.45 -0.89 6.78
N VAL A 588 3.22 -0.55 5.51
CA VAL A 588 3.70 0.72 4.97
C VAL A 588 2.75 1.87 5.33
N MET A 589 1.49 1.60 5.63
CA MET A 589 0.59 2.66 6.04
C MET A 589 0.62 2.91 7.54
N LEU A 590 0.85 1.87 8.34
CA LEU A 590 1.09 2.07 9.76
C LEU A 590 2.43 2.75 9.99
N GLY A 591 3.44 2.40 9.19
CA GLY A 591 4.75 2.97 9.37
C GLY A 591 4.84 4.42 8.94
N TYR A 592 4.13 4.80 7.89
CA TYR A 592 4.16 6.17 7.41
C TYR A 592 3.14 7.06 8.13
N THR A 593 2.25 6.47 8.92
CA THR A 593 1.48 7.27 9.88
C THR A 593 2.28 7.52 11.14
N ILE A 594 3.01 6.50 11.60
CA ILE A 594 3.82 6.60 12.81
C ILE A 594 5.00 7.55 12.59
N VAL A 595 5.64 7.48 11.43
CA VAL A 595 6.82 8.32 11.21
C VAL A 595 6.42 9.77 10.93
N VAL A 596 5.21 10.02 10.43
CA VAL A 596 4.75 11.39 10.30
C VAL A 596 4.41 11.98 11.67
N ALA A 597 3.85 11.15 12.56
CA ALA A 597 3.52 11.60 13.91
C ALA A 597 4.76 11.81 14.77
N ILE A 598 5.77 10.95 14.64
CA ILE A 598 6.95 11.05 15.48
C ILE A 598 7.82 12.23 15.06
N LEU A 599 7.98 12.44 13.75
CA LEU A 599 8.75 13.57 13.26
C LEU A 599 8.07 14.90 13.53
N ALA A 600 6.75 14.90 13.70
CA ALA A 600 6.07 16.09 14.19
C ALA A 600 6.37 16.34 15.65
N TYR A 601 6.57 15.29 16.44
CA TYR A 601 6.98 15.46 17.82
C TYR A 601 8.46 15.79 17.94
N PHE A 602 9.27 15.39 16.95
CA PHE A 602 10.65 15.85 16.90
C PHE A 602 10.74 17.33 16.58
N LEU A 603 9.76 17.86 15.87
CA LEU A 603 9.71 19.27 15.51
C LEU A 603 9.11 20.13 16.62
N LEU A 604 8.14 19.60 17.36
CA LEU A 604 7.60 20.30 18.53
C LEU A 604 8.64 20.44 19.63
N PHE A 605 9.55 19.48 19.74
CA PHE A 605 10.59 19.47 20.75
C PHE A 605 11.93 19.97 20.24
N SER A 606 11.97 20.56 19.05
CA SER A 606 13.22 21.06 18.50
C SER A 606 13.66 22.37 19.15
N GLY A 607 12.81 23.01 19.94
CA GLY A 607 13.11 24.30 20.49
C GLY A 607 12.53 25.46 19.71
N PHE A 608 11.73 25.19 18.69
CA PHE A 608 11.09 26.25 17.93
C PHE A 608 9.72 26.61 18.49
N PHE A 609 8.87 25.60 18.74
CA PHE A 609 7.54 25.86 19.25
C PHE A 609 7.59 26.27 20.72
N ILE A 610 8.44 25.62 21.50
CA ILE A 610 8.66 25.96 22.89
C ILE A 610 10.15 25.77 23.17
N ASN A 611 10.77 26.75 23.83
CA ASN A 611 12.22 26.74 24.00
C ASN A 611 12.63 25.70 25.03
N ARG A 612 13.94 25.42 25.06
CA ARG A 612 14.49 24.38 25.94
C ARG A 612 14.32 24.75 27.41
N ASP A 613 14.48 26.01 27.75
CA ASP A 613 14.31 26.46 29.13
C ASP A 613 12.86 26.72 29.50
N ARG A 614 11.91 26.39 28.62
CA ARG A 614 10.49 26.46 28.92
C ARG A 614 9.79 25.12 28.85
N ILE A 615 10.39 24.11 28.20
CA ILE A 615 9.88 22.74 28.17
C ILE A 615 9.88 22.19 29.60
N PRO A 616 8.81 21.55 30.05
CA PRO A 616 8.74 21.07 31.44
C PRO A 616 9.76 19.98 31.74
N GLN A 617 10.05 19.81 33.02
CA GLN A 617 11.13 18.94 33.43
C GLN A 617 10.80 17.46 33.28
N TYR A 618 9.51 17.11 33.22
CA TYR A 618 9.14 15.75 32.88
C TYR A 618 9.19 15.49 31.38
N TRP A 619 9.49 16.51 30.58
CA TRP A 619 9.60 16.37 29.14
C TRP A 619 10.96 16.73 28.59
N ILE A 620 11.92 17.14 29.43
CA ILE A 620 13.24 17.47 28.88
C ILE A 620 14.09 16.19 28.89
N TRP A 621 13.66 15.24 28.08
CA TRP A 621 14.44 14.08 27.64
C TRP A 621 14.15 13.73 26.19
N PHE A 622 12.96 14.07 25.68
CA PHE A 622 12.57 13.96 24.30
C PHE A 622 12.94 15.20 23.51
N HIS A 623 13.25 16.29 24.21
CA HIS A 623 13.90 17.42 23.58
C HIS A 623 15.32 17.06 23.16
N TYR A 624 16.08 16.41 24.05
CA TYR A 624 17.41 15.98 23.72
C TYR A 624 17.44 14.75 22.83
N LEU A 625 16.33 14.03 22.73
CA LEU A 625 16.16 12.94 21.77
C LEU A 625 15.52 13.40 20.48
N SER A 626 15.24 14.69 20.34
CA SER A 626 14.67 15.22 19.11
C SER A 626 15.71 15.17 17.99
N LEU A 627 15.30 14.63 16.86
CA LEU A 627 16.16 14.60 15.70
C LEU A 627 16.21 15.92 14.96
N VAL A 628 15.17 16.75 15.09
CA VAL A 628 15.14 18.04 14.41
C VAL A 628 15.89 19.11 15.21
N LYS A 629 16.13 18.88 16.51
CA LYS A 629 16.68 19.92 17.38
C LYS A 629 18.11 20.31 17.01
N TYR A 630 18.96 19.33 16.78
CA TYR A 630 20.37 19.57 16.50
C TYR A 630 20.65 20.12 15.11
N PRO A 631 19.94 19.72 14.02
CA PRO A 631 20.01 20.54 12.80
C PRO A 631 19.48 21.94 12.97
N TYR A 632 18.38 22.11 13.71
CA TYR A 632 17.81 23.44 13.92
C TYR A 632 18.72 24.30 14.79
N GLU A 633 19.33 23.72 15.81
CA GLU A 633 20.24 24.51 16.64
C GLU A 633 21.58 24.76 15.97
N ALA A 634 21.91 24.06 14.89
CA ALA A 634 23.17 24.28 14.19
C ALA A 634 23.06 25.34 13.11
N VAL A 635 21.88 25.50 12.50
CA VAL A 635 21.71 26.57 11.53
C VAL A 635 21.39 27.90 12.19
N LEU A 636 20.95 27.91 13.44
CA LEU A 636 20.74 29.18 14.12
C LEU A 636 22.06 29.83 14.48
N GLN A 637 23.03 29.06 14.96
CA GLN A 637 24.35 29.63 15.23
C GLN A 637 25.30 29.49 14.05
N ASN A 638 24.80 29.07 12.89
CA ASN A 638 25.48 29.38 11.64
C ASN A 638 25.02 30.72 11.09
N GLU A 639 23.76 31.07 11.35
CA GLU A 639 23.18 32.34 10.91
C GLU A 639 23.38 33.45 11.94
N PHE A 640 23.00 33.22 13.19
CA PHE A 640 23.12 34.24 14.21
C PHE A 640 24.44 34.13 14.97
N SER A 641 25.55 34.02 14.26
CA SER A 641 26.88 34.10 14.88
C SER A 641 27.72 35.03 14.00
N ASP A 642 27.59 36.32 14.23
CA ASP A 642 28.29 37.36 13.52
C ASP A 642 28.26 38.61 14.37
N PRO A 643 29.41 39.18 14.75
CA PRO A 643 29.39 40.42 15.53
C PRO A 643 29.14 41.67 14.69
N THR A 644 28.99 41.55 13.38
CA THR A 644 28.73 42.69 12.51
C THR A 644 27.24 42.89 12.26
N GLU A 645 26.49 41.81 12.08
CA GLU A 645 25.06 41.93 11.85
C GLU A 645 24.33 42.29 13.13
N CYS A 646 23.29 43.11 13.00
CA CYS A 646 22.59 43.66 14.14
C CYS A 646 21.10 43.68 13.85
N PHE A 647 20.29 43.46 14.88
CA PHE A 647 18.86 43.33 14.72
C PHE A 647 18.05 44.39 15.46
N VAL A 648 18.65 45.07 16.44
CA VAL A 648 18.07 46.26 17.07
C VAL A 648 19.15 47.33 17.05
N ARG A 649 19.03 48.29 16.14
CA ARG A 649 20.01 49.36 15.97
C ARG A 649 19.67 50.59 16.80
N GLY A 650 19.44 50.41 18.10
CA GLY A 650 19.20 51.55 18.97
C GLY A 650 17.80 52.13 18.93
N VAL A 651 17.30 52.42 17.73
CA VAL A 651 15.96 52.99 17.59
C VAL A 651 14.88 51.91 17.58
N GLN A 652 15.24 50.64 17.30
CA GLN A 652 14.27 49.57 17.17
C GLN A 652 13.80 49.00 18.50
N LEU A 653 14.15 49.61 19.62
CA LEU A 653 13.53 49.26 20.90
C LEU A 653 12.06 49.63 20.90
N PHE A 654 11.76 50.90 20.62
CA PHE A 654 10.42 51.44 20.75
C PHE A 654 9.66 51.47 19.44
N ASP A 655 9.93 50.51 18.55
CA ASP A 655 9.27 50.47 17.24
C ASP A 655 7.96 49.69 17.32
N ASN A 656 8.04 48.42 17.70
CA ASN A 656 6.85 47.60 17.95
C ASN A 656 6.60 47.41 19.43
N SER A 657 7.08 48.36 20.23
CA SER A 657 6.79 48.44 21.64
C SER A 657 5.37 48.94 21.83
N PRO A 658 4.78 48.75 23.02
CA PRO A 658 3.46 49.34 23.28
C PRO A 658 3.45 50.85 23.53
N LEU A 659 4.57 51.53 23.28
CA LEU A 659 4.69 52.96 23.47
C LEU A 659 5.77 53.49 22.52
N GLY A 660 5.98 54.81 22.55
CA GLY A 660 7.08 55.42 21.82
C GLY A 660 6.94 55.44 20.32
N GLU A 661 5.71 55.49 19.81
CA GLU A 661 5.46 55.54 18.37
C GLU A 661 5.64 56.96 17.85
N LEU A 662 6.90 57.39 17.81
CA LEU A 662 7.26 58.76 17.44
C LEU A 662 7.72 58.77 15.98
N THR A 663 8.08 59.94 15.45
CA THR A 663 8.51 59.99 14.05
C THR A 663 9.97 59.58 13.92
N TYR A 664 10.88 60.43 14.39
CA TYR A 664 12.21 59.99 14.79
C TYR A 664 12.62 60.75 16.04
N GLY A 665 12.02 61.93 16.23
CA GLY A 665 12.40 62.80 17.32
C GLY A 665 11.82 62.36 18.64
N MET A 666 12.56 62.71 19.71
CA MET A 666 12.27 62.47 21.12
C MET A 666 12.34 60.99 21.52
N LYS A 667 12.64 60.11 20.56
CA LYS A 667 13.05 58.75 20.90
C LYS A 667 14.44 58.75 21.51
N LEU A 668 15.30 59.65 21.03
CA LEU A 668 16.66 59.75 21.57
C LEU A 668 16.66 60.28 23.00
N ARG A 669 15.67 61.10 23.35
CA ARG A 669 15.52 61.52 24.74
C ARG A 669 15.07 60.35 25.61
N LEU A 670 14.26 59.44 25.06
CA LEU A 670 13.94 58.21 25.76
C LEU A 670 15.17 57.32 25.90
N LEU A 671 16.05 57.32 24.89
CA LEU A 671 17.27 56.53 24.95
C LEU A 671 18.26 57.15 25.93
N ASP A 672 18.30 58.48 26.00
CA ASP A 672 19.11 59.15 27.01
C ASP A 672 18.50 59.01 28.41
N SER A 673 17.19 58.78 28.49
CA SER A 673 16.56 58.51 29.77
C SER A 673 16.89 57.13 30.30
N VAL A 674 17.34 56.21 29.43
CA VAL A 674 17.81 54.90 29.87
C VAL A 674 19.11 55.05 30.67
N SER A 675 19.94 56.05 30.34
CA SER A 675 21.19 56.29 31.03
C SER A 675 21.01 56.82 32.46
N ARG A 676 19.79 57.13 32.88
CA ARG A 676 19.56 57.49 34.28
C ARG A 676 19.79 56.29 35.19
N SER A 677 19.38 55.11 34.76
CA SER A 677 19.31 53.93 35.61
C SER A 677 20.49 52.98 35.48
N ILE A 678 21.17 52.97 34.35
CA ILE A 678 22.25 52.03 34.09
C ILE A 678 23.59 52.73 33.96
N GLY A 679 23.64 53.84 33.24
CA GLY A 679 24.87 54.51 32.92
C GLY A 679 25.34 54.31 31.50
N MET A 680 24.77 53.33 30.80
CA MET A 680 25.14 53.07 29.42
C MET A 680 24.62 54.18 28.51
N ARG A 681 25.48 54.65 27.61
CA ARG A 681 25.12 55.72 26.68
C ARG A 681 24.57 55.07 25.42
N ILE A 682 23.25 54.93 25.36
CA ILE A 682 22.58 54.40 24.17
C ILE A 682 22.37 55.54 23.19
N SER A 683 22.92 55.38 21.98
CA SER A 683 22.81 56.39 20.93
C SER A 683 21.68 56.02 19.98
N SER A 684 21.60 56.74 18.85
CA SER A 684 20.60 56.43 17.84
C SER A 684 20.92 55.14 17.08
N SER A 685 22.18 54.70 17.10
CA SER A 685 22.59 53.44 16.49
C SER A 685 23.68 52.85 17.37
N THR A 686 23.30 51.93 18.26
CA THR A 686 24.23 51.38 19.24
C THR A 686 24.25 49.86 19.30
N CYS A 687 23.43 49.18 18.48
CA CYS A 687 23.44 47.73 18.29
C CYS A 687 23.18 46.97 19.59
N LEU A 688 21.96 47.14 20.09
CA LEU A 688 21.55 46.51 21.34
C LEU A 688 21.30 45.01 21.22
N THR A 689 21.09 44.49 20.02
CA THR A 689 20.85 43.06 19.82
C THR A 689 21.67 42.58 18.64
N THR A 690 22.67 41.74 18.91
CA THR A 690 23.41 41.06 17.87
C THR A 690 22.80 39.68 17.64
N GLY A 691 23.49 38.82 16.88
CA GLY A 691 23.03 37.46 16.71
C GLY A 691 23.26 36.58 17.92
N ALA A 692 24.22 36.93 18.78
CA ALA A 692 24.46 36.18 20.00
C ALA A 692 23.36 36.39 21.03
N ASP A 693 22.64 37.52 20.96
CA ASP A 693 21.51 37.77 21.82
C ASP A 693 20.23 37.10 21.33
N VAL A 694 20.14 36.81 20.04
CA VAL A 694 19.04 36.01 19.51
C VAL A 694 19.14 34.58 20.01
N LEU A 695 20.35 34.03 20.01
CA LEU A 695 20.56 32.67 20.49
C LEU A 695 20.36 32.55 21.99
N LYS A 696 20.62 33.63 22.74
CA LYS A 696 20.38 33.60 24.17
C LYS A 696 18.90 33.72 24.48
N GLN A 697 18.12 34.38 23.61
CA GLN A 697 16.67 34.42 23.78
C GLN A 697 16.04 33.08 23.51
N GLN A 698 16.54 32.35 22.53
CA GLN A 698 15.98 31.05 22.15
C GLN A 698 16.54 29.90 22.98
N GLY A 699 17.59 30.13 23.76
CA GLY A 699 18.20 29.06 24.51
C GLY A 699 19.17 28.21 23.72
N VAL A 700 19.60 28.69 22.55
CA VAL A 700 20.56 27.94 21.73
C VAL A 700 21.94 28.39 22.19
N THR A 701 22.40 27.77 23.28
CA THR A 701 23.66 28.11 23.92
C THR A 701 24.47 26.90 24.35
N GLN A 702 23.88 25.71 24.44
CA GLN A 702 24.53 24.58 25.07
C GLN A 702 25.61 23.95 24.20
N LEU A 703 25.42 23.92 22.88
CA LEU A 703 26.35 23.24 21.99
C LEU A 703 26.75 24.17 20.86
N SER A 704 27.93 23.91 20.31
CA SER A 704 28.40 24.62 19.13
C SER A 704 27.67 24.12 17.90
N LYS A 705 27.90 24.77 16.77
CA LYS A 705 27.28 24.29 15.54
C LYS A 705 28.00 23.08 14.98
N TRP A 706 29.27 22.89 15.33
CA TRP A 706 29.99 21.68 14.94
C TRP A 706 29.66 20.51 15.85
N ASN A 707 29.34 20.78 17.11
CA ASN A 707 28.88 19.73 18.01
C ASN A 707 27.45 19.32 17.69
N CYS A 708 26.62 20.26 17.24
CA CYS A 708 25.28 19.92 16.78
C CYS A 708 25.29 19.20 15.45
N LEU A 709 26.35 19.37 14.65
CA LEU A 709 26.53 18.58 13.44
C LEU A 709 27.00 17.17 13.75
N LEU A 710 27.77 16.99 14.82
CA LEU A 710 28.24 15.65 15.20
C LEU A 710 27.10 14.80 15.74
N ILE A 711 26.19 15.41 16.49
CA ILE A 711 25.04 14.68 17.02
C ILE A 711 24.07 14.33 15.91
N THR A 712 24.00 15.14 14.85
CA THR A 712 23.16 14.79 13.71
C THR A 712 23.77 13.64 12.91
N VAL A 713 25.09 13.65 12.74
CA VAL A 713 25.77 12.50 12.14
C VAL A 713 25.75 11.31 13.08
N GLY A 714 25.86 11.56 14.38
CA GLY A 714 25.83 10.47 15.35
C GLY A 714 24.48 9.83 15.52
N PHE A 715 23.40 10.60 15.37
CA PHE A 715 22.06 10.01 15.37
C PHE A 715 21.79 9.20 14.11
N GLY A 716 22.48 9.49 13.02
CA GLY A 716 22.37 8.66 11.84
C GLY A 716 23.06 7.33 12.03
N PHE A 717 24.24 7.35 12.62
CA PHE A 717 24.96 6.10 12.90
C PHE A 717 24.29 5.31 14.01
N LEU A 718 23.55 5.97 14.89
CA LEU A 718 22.83 5.26 15.94
C LEU A 718 21.67 4.44 15.38
N PHE A 719 20.92 5.02 14.45
CA PHE A 719 19.75 4.37 13.90
C PHE A 719 20.08 3.38 12.79
N ARG A 720 21.31 3.34 12.30
CA ARG A 720 21.76 2.24 11.47
C ARG A 720 22.29 1.07 12.30
N ILE A 721 22.76 1.34 13.52
CA ILE A 721 23.12 0.28 14.44
C ILE A 721 21.87 -0.35 15.04
N LEU A 722 20.89 0.48 15.44
CA LEU A 722 19.62 -0.02 15.93
C LEU A 722 18.81 -0.72 14.86
N PHE A 723 19.01 -0.36 13.59
CA PHE A 723 18.43 -1.13 12.51
C PHE A 723 19.11 -2.48 12.36
N TYR A 724 20.44 -2.51 12.57
CA TYR A 724 21.17 -3.77 12.53
C TYR A 724 20.79 -4.67 13.70
N LEU A 725 20.52 -4.08 14.87
CA LEU A 725 20.10 -4.87 16.02
C LEU A 725 18.67 -5.36 15.88
N CYS A 726 17.83 -4.68 15.09
CA CYS A 726 16.49 -5.18 14.84
C CYS A 726 16.44 -6.23 13.74
N LEU A 727 17.51 -6.38 12.96
CA LEU A 727 17.63 -7.51 12.04
C LEU A 727 18.14 -8.75 12.75
N LEU A 728 18.86 -8.60 13.86
CA LEU A 728 19.24 -9.75 14.67
C LEU A 728 18.02 -10.37 15.34
N LEU A 729 17.20 -9.54 15.98
CA LEU A 729 15.99 -10.03 16.65
C LEU A 729 14.89 -10.42 15.68
N GLY A 730 14.98 -9.99 14.42
CA GLY A 730 14.03 -10.42 13.42
C GLY A 730 14.44 -11.75 12.83
N SER A 731 15.72 -12.07 12.94
CA SER A 731 16.20 -13.40 12.55
C SER A 731 15.75 -14.47 13.54
N LYS A 732 15.53 -14.10 14.81
CA LYS A 732 15.11 -15.05 15.81
C LYS A 732 13.66 -15.48 15.61
N ASN A 733 12.86 -14.64 14.95
CA ASN A 733 11.46 -14.95 14.70
C ASN A 733 11.31 -16.00 13.61
N ARG B 67 -37.89 -24.95 -19.31
CA ARG B 67 -38.53 -24.26 -20.41
C ARG B 67 -38.14 -22.79 -20.42
N PRO B 68 -37.04 -22.47 -21.09
CA PRO B 68 -36.60 -21.07 -21.17
C PRO B 68 -37.20 -20.34 -22.36
N VAL B 69 -36.83 -19.07 -22.53
CA VAL B 69 -37.22 -18.27 -23.68
C VAL B 69 -36.00 -18.07 -24.55
N PRO B 70 -36.06 -18.42 -25.83
CA PRO B 70 -34.84 -18.40 -26.66
C PRO B 70 -34.44 -16.99 -27.07
N PHE B 71 -33.19 -16.64 -26.78
CA PHE B 71 -32.57 -15.40 -27.25
C PHE B 71 -31.33 -15.76 -28.05
N VAL B 72 -31.10 -15.04 -29.14
CA VAL B 72 -29.99 -15.29 -30.04
C VAL B 72 -29.23 -13.98 -30.20
N LEU B 73 -28.06 -13.87 -29.57
CA LEU B 73 -27.22 -12.69 -29.70
C LEU B 73 -26.27 -12.92 -30.87
N SER B 74 -26.52 -12.24 -31.98
CA SER B 74 -25.72 -12.36 -33.20
C SER B 74 -25.03 -11.04 -33.48
N PHE B 75 -23.70 -11.06 -33.44
CA PHE B 75 -22.89 -9.92 -33.86
C PHE B 75 -22.14 -10.32 -35.12
N ASN B 76 -22.33 -9.56 -36.19
CA ASN B 76 -21.96 -9.99 -37.53
C ASN B 76 -20.60 -9.48 -37.99
N ASN B 77 -20.35 -8.17 -37.84
CA ASN B 77 -19.07 -7.60 -38.23
C ASN B 77 -18.73 -6.50 -37.25
N LEU B 78 -17.49 -6.50 -36.77
CA LEU B 78 -17.06 -5.51 -35.79
C LEU B 78 -15.69 -4.98 -36.17
N THR B 79 -15.58 -3.65 -36.24
CA THR B 79 -14.32 -3.00 -36.54
C THR B 79 -14.19 -1.79 -35.62
N TYR B 80 -13.20 -1.83 -34.73
CA TYR B 80 -12.97 -0.74 -33.79
C TYR B 80 -11.56 -0.23 -33.98
N ASN B 81 -11.44 1.01 -34.45
CA ASN B 81 -10.15 1.65 -34.69
C ASN B 81 -9.95 2.78 -33.69
N VAL B 82 -8.78 2.80 -33.06
CA VAL B 82 -8.47 3.85 -32.09
C VAL B 82 -7.29 4.69 -32.57
N THR B 104 -2.81 5.31 -37.04
CA THR B 104 -4.01 4.62 -36.58
C THR B 104 -3.66 3.28 -35.92
N LYS B 105 -4.63 2.68 -35.25
CA LYS B 105 -4.43 1.39 -34.60
C LYS B 105 -5.77 0.67 -34.55
N THR B 106 -5.94 -0.33 -35.40
CA THR B 106 -7.15 -1.13 -35.38
C THR B 106 -7.09 -2.15 -34.25
N LEU B 107 -8.19 -2.24 -33.49
CA LEU B 107 -8.28 -3.16 -32.37
C LEU B 107 -9.22 -4.33 -32.62
N LEU B 108 -10.24 -4.15 -33.46
CA LEU B 108 -11.13 -5.22 -33.88
C LEU B 108 -11.26 -5.17 -35.39
N ASP B 109 -11.47 -6.34 -36.00
CA ASP B 109 -11.56 -6.42 -37.46
C ASP B 109 -12.45 -7.61 -37.82
N ASN B 110 -13.73 -7.32 -38.10
CA ASN B 110 -14.67 -8.25 -38.73
C ASN B 110 -14.92 -9.50 -37.89
N ILE B 111 -15.10 -9.32 -36.58
CA ILE B 111 -15.42 -10.44 -35.72
C ILE B 111 -16.90 -10.79 -35.86
N SER B 112 -17.18 -12.04 -36.21
CA SER B 112 -18.54 -12.53 -36.34
C SER B 112 -18.85 -13.48 -35.19
N GLY B 113 -20.14 -13.60 -34.86
CA GLY B 113 -20.54 -14.46 -33.77
C GLY B 113 -22.04 -14.65 -33.74
N GLU B 114 -22.43 -15.73 -33.07
CA GLU B 114 -23.85 -16.09 -32.93
C GLU B 114 -23.97 -16.99 -31.72
N THR B 115 -24.60 -16.48 -30.66
CA THR B 115 -24.70 -17.20 -29.40
C THR B 115 -26.13 -17.25 -28.93
N ARG B 116 -26.68 -18.45 -28.81
CA ARG B 116 -28.02 -18.64 -28.28
C ARG B 116 -27.99 -18.65 -26.76
N ASP B 117 -29.18 -18.73 -26.16
CA ASP B 117 -29.25 -18.91 -24.72
C ASP B 117 -28.82 -20.33 -24.35
N GLY B 118 -28.26 -20.46 -23.15
CA GLY B 118 -27.76 -21.73 -22.70
C GLY B 118 -26.31 -22.00 -23.06
N GLU B 119 -25.63 -21.06 -23.71
CA GLU B 119 -24.28 -21.28 -24.21
C GLU B 119 -23.32 -20.28 -23.57
N ILE B 120 -22.08 -20.71 -23.42
CA ILE B 120 -21.05 -20.02 -22.65
C ILE B 120 -19.90 -19.66 -23.58
N LEU B 121 -20.23 -19.03 -24.72
CA LEU B 121 -19.27 -18.49 -25.69
C LEU B 121 -18.07 -17.83 -25.02
N ALA B 122 -16.88 -18.32 -25.34
CA ALA B 122 -15.64 -17.88 -24.71
C ALA B 122 -14.78 -17.15 -25.72
N VAL B 123 -14.16 -16.07 -25.27
CA VAL B 123 -13.32 -15.23 -26.12
C VAL B 123 -11.89 -15.40 -25.64
N LEU B 124 -11.14 -16.27 -26.31
CA LEU B 124 -9.77 -16.57 -25.96
C LEU B 124 -8.81 -15.67 -26.71
N GLY B 125 -7.61 -15.51 -26.18
CA GLY B 125 -6.63 -14.67 -26.83
C GLY B 125 -5.32 -14.51 -26.09
N ALA B 126 -4.82 -13.28 -26.07
CA ALA B 126 -3.47 -12.98 -25.58
C ALA B 126 -3.58 -11.88 -24.54
N SER B 127 -2.44 -11.25 -24.25
CA SER B 127 -2.31 -10.29 -23.16
C SER B 127 -2.16 -8.90 -23.76
N GLY B 128 -3.09 -8.54 -24.65
CA GLY B 128 -2.96 -7.38 -25.50
C GLY B 128 -3.62 -7.63 -26.85
N SER B 129 -4.20 -8.83 -27.00
CA SER B 129 -4.97 -9.15 -28.19
C SER B 129 -6.26 -8.35 -28.32
N GLY B 130 -6.77 -7.80 -27.22
CA GLY B 130 -8.01 -7.06 -27.26
C GLY B 130 -9.23 -7.96 -27.21
N LYS B 131 -9.26 -8.87 -26.25
CA LYS B 131 -10.46 -9.66 -25.98
C LYS B 131 -11.32 -9.05 -24.88
N SER B 132 -10.78 -8.10 -24.12
CA SER B 132 -11.58 -7.25 -23.26
C SER B 132 -12.13 -6.04 -24.01
N THR B 133 -11.79 -5.90 -25.28
CA THR B 133 -12.35 -4.89 -26.16
C THR B 133 -13.53 -5.43 -26.97
N LEU B 134 -13.51 -6.74 -27.28
CA LEU B 134 -14.61 -7.35 -28.01
C LEU B 134 -15.88 -7.40 -27.15
N ILE B 135 -15.75 -7.84 -25.89
CA ILE B 135 -16.92 -7.84 -25.01
C ILE B 135 -17.22 -6.45 -24.44
N ASP B 136 -16.31 -5.49 -24.60
CA ASP B 136 -16.64 -4.09 -24.38
C ASP B 136 -17.43 -3.49 -25.53
N ALA B 137 -17.43 -4.15 -26.69
CA ALA B 137 -18.21 -3.71 -27.83
C ALA B 137 -19.56 -4.43 -27.94
N LEU B 138 -19.71 -5.58 -27.30
CA LEU B 138 -21.00 -6.24 -27.20
C LEU B 138 -21.82 -5.72 -26.04
N ALA B 139 -21.16 -5.19 -25.01
CA ALA B 139 -21.84 -4.58 -23.88
C ALA B 139 -22.12 -3.10 -24.08
N ASN B 140 -21.81 -2.57 -25.28
CA ASN B 140 -21.97 -1.16 -25.64
C ASN B 140 -21.22 -0.25 -24.68
N ARG B 141 -19.98 -0.61 -24.36
CA ARG B 141 -19.16 0.16 -23.44
C ARG B 141 -18.06 0.95 -24.15
N ILE B 142 -18.21 1.16 -25.46
CA ILE B 142 -17.31 2.02 -26.21
C ILE B 142 -18.15 3.12 -26.85
N ALA B 143 -17.51 4.01 -27.60
CA ALA B 143 -18.22 5.14 -28.18
C ALA B 143 -19.10 4.70 -29.35
N LYS B 144 -20.30 5.29 -29.42
CA LYS B 144 -21.23 4.99 -30.48
C LYS B 144 -20.78 5.70 -31.76
N GLY B 145 -20.79 4.98 -32.88
CA GLY B 145 -20.29 5.49 -34.13
C GLY B 145 -18.84 5.14 -34.42
N SER B 146 -18.07 4.76 -33.40
CA SER B 146 -16.72 4.26 -33.58
C SER B 146 -16.66 2.75 -33.70
N LEU B 147 -17.81 2.08 -33.62
CA LEU B 147 -17.90 0.63 -33.78
C LEU B 147 -18.75 0.36 -35.02
N LYS B 148 -18.08 0.07 -36.13
CA LYS B 148 -18.77 -0.18 -37.39
C LYS B 148 -19.33 -1.60 -37.39
N GLY B 149 -20.64 -1.74 -37.44
CA GLY B 149 -21.29 -3.03 -37.50
C GLY B 149 -22.38 -3.18 -36.45
N THR B 150 -23.12 -4.27 -36.59
CA THR B 150 -24.34 -4.49 -35.82
C THR B 150 -24.12 -5.59 -34.78
N VAL B 151 -24.50 -5.31 -33.54
CA VAL B 151 -24.60 -6.31 -32.48
C VAL B 151 -26.09 -6.46 -32.17
N THR B 152 -26.67 -7.56 -32.60
CA THR B 152 -28.12 -7.69 -32.66
C THR B 152 -28.58 -8.89 -31.86
N LEU B 153 -29.67 -8.71 -31.10
CA LEU B 153 -30.37 -9.80 -30.44
C LEU B 153 -31.37 -10.39 -31.42
N ASN B 154 -32.32 -11.18 -30.94
CA ASN B 154 -33.42 -11.64 -31.80
C ASN B 154 -34.48 -10.53 -31.88
N GLY B 155 -34.19 -9.55 -32.73
CA GLY B 155 -35.09 -8.41 -32.84
C GLY B 155 -34.44 -7.05 -32.89
N GLU B 156 -34.75 -6.20 -31.89
CA GLU B 156 -34.62 -4.75 -32.01
C GLU B 156 -33.21 -4.22 -31.80
N ALA B 157 -32.22 -4.80 -32.49
CA ALA B 157 -30.92 -4.21 -32.81
C ALA B 157 -29.97 -3.94 -31.63
N LEU B 158 -30.47 -4.10 -30.40
CA LEU B 158 -29.70 -4.10 -29.14
C LEU B 158 -28.81 -2.86 -28.99
N GLN B 159 -29.48 -1.71 -28.85
CA GLN B 159 -28.79 -0.48 -28.50
C GLN B 159 -28.79 -0.30 -26.99
N SER B 160 -28.16 0.79 -26.53
CA SER B 160 -27.85 0.99 -25.11
C SER B 160 -29.06 1.53 -24.34
N ARG B 161 -30.18 0.85 -24.48
CA ARG B 161 -31.40 1.01 -23.71
C ARG B 161 -31.87 -0.31 -23.12
N MET B 162 -31.74 -1.40 -23.87
CA MET B 162 -31.98 -2.72 -23.32
C MET B 162 -30.77 -3.25 -22.56
N LEU B 163 -29.57 -2.77 -22.86
CA LEU B 163 -28.39 -3.20 -22.12
C LEU B 163 -28.19 -2.40 -20.85
N LYS B 164 -29.26 -2.22 -20.08
CA LYS B 164 -29.25 -1.78 -18.69
C LYS B 164 -30.19 -2.58 -17.81
N VAL B 165 -31.24 -3.17 -18.38
CA VAL B 165 -32.18 -3.99 -17.63
C VAL B 165 -31.84 -5.47 -17.77
N ILE B 166 -31.47 -5.89 -18.98
CA ILE B 166 -31.28 -7.31 -19.29
C ILE B 166 -29.81 -7.71 -19.33
N SER B 167 -28.89 -6.77 -19.12
CA SER B 167 -27.48 -7.04 -19.28
C SER B 167 -26.73 -6.85 -17.97
N ALA B 168 -25.55 -7.48 -17.90
CA ALA B 168 -24.63 -7.31 -16.79
C ALA B 168 -23.21 -7.51 -17.30
N TYR B 169 -22.31 -6.60 -16.95
CA TYR B 169 -20.91 -6.69 -17.34
C TYR B 169 -20.08 -6.85 -16.07
N VAL B 170 -19.52 -8.04 -15.88
CA VAL B 170 -18.68 -8.32 -14.72
C VAL B 170 -17.24 -7.99 -15.08
N MET B 171 -16.63 -7.06 -14.34
CA MET B 171 -15.27 -6.62 -14.62
C MET B 171 -14.27 -7.60 -13.99
N GLN B 172 -12.98 -7.26 -14.06
CA GLN B 172 -11.92 -8.19 -13.70
C GLN B 172 -11.23 -7.71 -12.42
N ASP B 173 -11.87 -8.01 -11.29
CA ASP B 173 -11.35 -7.88 -9.93
C ASP B 173 -12.36 -8.48 -8.97
N ASP B 174 -12.06 -8.46 -7.68
CA ASP B 174 -13.04 -8.72 -6.64
C ASP B 174 -13.00 -7.50 -5.72
N LEU B 175 -13.70 -6.44 -6.12
CA LEU B 175 -13.74 -5.20 -5.35
C LEU B 175 -14.95 -5.27 -4.43
N LEU B 176 -14.76 -5.91 -3.28
CA LEU B 176 -15.81 -6.08 -2.30
C LEU B 176 -15.36 -5.50 -0.96
N PHE B 177 -16.32 -5.01 -0.19
CA PHE B 177 -16.01 -4.57 1.16
C PHE B 177 -15.75 -5.79 2.03
N PRO B 178 -14.61 -5.85 2.73
CA PRO B 178 -14.21 -7.11 3.37
C PRO B 178 -14.91 -7.41 4.69
N MET B 179 -15.51 -6.41 5.34
CA MET B 179 -16.19 -6.63 6.61
C MET B 179 -17.64 -7.04 6.44
N LEU B 180 -18.09 -7.22 5.21
CA LEU B 180 -19.48 -7.58 4.93
C LEU B 180 -19.56 -9.08 4.68
N THR B 181 -20.59 -9.71 5.21
CA THR B 181 -20.79 -11.13 4.94
C THR B 181 -21.33 -11.31 3.52
N VAL B 182 -21.34 -12.56 3.07
CA VAL B 182 -21.75 -12.88 1.71
C VAL B 182 -23.24 -12.62 1.53
N GLU B 183 -24.04 -12.93 2.56
CA GLU B 183 -25.47 -12.64 2.50
C GLU B 183 -25.73 -11.14 2.60
N GLU B 184 -24.89 -10.40 3.32
CA GLU B 184 -25.06 -8.95 3.42
C GLU B 184 -24.61 -8.24 2.15
N THR B 185 -23.57 -8.77 1.48
CA THR B 185 -23.05 -8.15 0.28
C THR B 185 -24.02 -8.26 -0.88
N LEU B 186 -24.75 -9.37 -0.96
CA LEU B 186 -25.77 -9.54 -1.97
C LEU B 186 -27.10 -8.89 -1.60
N MET B 187 -27.32 -8.61 -0.31
CA MET B 187 -28.53 -7.93 0.11
C MET B 187 -28.41 -6.42 -0.07
N PHE B 188 -27.19 -5.88 0.01
CA PHE B 188 -26.99 -4.47 -0.33
C PHE B 188 -27.15 -4.24 -1.82
N ALA B 189 -26.65 -5.18 -2.63
CA ALA B 189 -26.86 -5.10 -4.08
C ALA B 189 -28.32 -5.32 -4.45
N ALA B 190 -29.06 -6.06 -3.64
CA ALA B 190 -30.49 -6.21 -3.88
C ALA B 190 -31.25 -4.96 -3.45
N GLU B 191 -30.80 -4.30 -2.39
CA GLU B 191 -31.44 -3.06 -1.97
C GLU B 191 -31.07 -1.89 -2.86
N PHE B 192 -30.01 -2.01 -3.65
CA PHE B 192 -29.57 -0.94 -4.53
C PHE B 192 -30.18 -1.01 -5.92
N ARG B 193 -30.37 -2.21 -6.45
CA ARG B 193 -30.69 -2.37 -7.87
C ARG B 193 -32.04 -3.01 -8.15
N LEU B 194 -32.56 -3.84 -7.24
CA LEU B 194 -33.92 -4.33 -7.42
C LEU B 194 -34.89 -3.19 -7.12
N PRO B 195 -36.06 -3.17 -7.79
CA PRO B 195 -36.97 -2.02 -7.64
C PRO B 195 -37.59 -1.94 -6.25
N ARG B 196 -37.94 -0.72 -5.86
CA ARG B 196 -38.53 -0.49 -4.55
C ARG B 196 -39.97 -0.97 -4.45
N SER B 197 -40.59 -1.34 -5.58
CA SER B 197 -41.90 -1.98 -5.54
C SER B 197 -41.84 -3.37 -4.92
N LEU B 198 -40.69 -4.05 -5.01
CA LEU B 198 -40.54 -5.34 -4.36
C LEU B 198 -40.42 -5.16 -2.85
N PRO B 199 -41.05 -6.03 -2.06
CA PRO B 199 -40.82 -6.01 -0.62
C PRO B 199 -39.43 -6.55 -0.29
N LYS B 200 -39.02 -6.33 0.96
CA LYS B 200 -37.74 -6.85 1.42
C LYS B 200 -37.77 -8.36 1.55
N SER B 201 -38.96 -8.95 1.78
CA SER B 201 -39.09 -10.40 1.82
C SER B 201 -38.89 -11.01 0.43
N LYS B 202 -39.24 -10.28 -0.63
CA LYS B 202 -38.99 -10.74 -1.99
C LYS B 202 -37.58 -10.43 -2.46
N LYS B 203 -36.92 -9.42 -1.87
CA LYS B 203 -35.52 -9.17 -2.17
C LYS B 203 -34.63 -10.16 -1.44
N LYS B 204 -35.01 -10.56 -0.23
CA LYS B 204 -34.29 -11.62 0.46
C LYS B 204 -34.54 -12.97 -0.19
N LEU B 205 -35.69 -13.14 -0.85
CA LEU B 205 -35.95 -14.38 -1.58
C LEU B 205 -35.12 -14.46 -2.85
N ARG B 206 -34.71 -13.31 -3.40
CA ARG B 206 -33.81 -13.30 -4.54
C ARG B 206 -32.37 -13.60 -4.11
N VAL B 207 -31.97 -13.11 -2.94
CA VAL B 207 -30.61 -13.35 -2.46
C VAL B 207 -30.43 -14.81 -2.06
N GLN B 208 -31.41 -15.38 -1.38
CA GLN B 208 -31.29 -16.77 -0.94
C GLN B 208 -31.41 -17.75 -2.10
N ALA B 209 -32.12 -17.37 -3.17
CA ALA B 209 -32.11 -18.19 -4.38
C ALA B 209 -30.82 -18.03 -5.15
N LEU B 210 -30.13 -16.90 -4.99
CA LEU B 210 -28.87 -16.68 -5.67
C LEU B 210 -27.70 -17.34 -4.97
N ILE B 211 -27.75 -17.42 -3.64
CA ILE B 211 -26.70 -18.10 -2.88
C ILE B 211 -26.72 -19.60 -3.15
N ASP B 212 -27.92 -20.16 -3.36
CA ASP B 212 -28.04 -21.56 -3.75
C ASP B 212 -27.53 -21.79 -5.18
N GLN B 213 -27.72 -20.79 -6.05
CA GLN B 213 -27.31 -20.93 -7.44
C GLN B 213 -25.79 -20.82 -7.60
N LEU B 214 -25.17 -19.89 -6.87
CA LEU B 214 -23.72 -19.74 -6.93
C LEU B 214 -22.97 -20.79 -6.14
N GLY B 215 -23.65 -21.59 -5.34
CA GLY B 215 -22.98 -22.62 -4.55
C GLY B 215 -22.19 -22.07 -3.39
N ILE B 216 -22.68 -21.01 -2.75
CA ILE B 216 -21.97 -20.37 -1.64
C ILE B 216 -22.85 -20.42 -0.39
N ARG B 217 -23.64 -21.48 -0.26
CA ARG B 217 -24.47 -21.66 0.94
C ARG B 217 -23.64 -21.91 2.18
N ASN B 218 -22.51 -22.63 2.05
CA ASN B 218 -21.66 -22.91 3.20
C ASN B 218 -20.94 -21.67 3.71
N ALA B 219 -20.74 -20.66 2.86
CA ALA B 219 -20.08 -19.43 3.24
C ALA B 219 -21.02 -18.23 3.18
N ALA B 220 -22.33 -18.44 3.37
CA ALA B 220 -23.29 -17.36 3.24
C ALA B 220 -23.19 -16.37 4.40
N LYS B 221 -22.77 -16.83 5.57
CA LYS B 221 -22.63 -15.95 6.73
C LYS B 221 -21.17 -15.71 7.10
N THR B 222 -20.24 -16.12 6.25
CA THR B 222 -18.83 -15.80 6.43
C THR B 222 -18.55 -14.48 5.74
N ILE B 223 -17.74 -13.63 6.39
CA ILE B 223 -17.35 -12.35 5.81
C ILE B 223 -16.42 -12.58 4.62
N ILE B 224 -16.27 -11.56 3.78
CA ILE B 224 -15.45 -11.69 2.59
C ILE B 224 -13.97 -11.70 2.95
N GLY B 225 -13.52 -10.68 3.68
CA GLY B 225 -12.18 -10.68 4.20
C GLY B 225 -11.12 -10.22 3.21
N ASP B 226 -10.25 -9.33 3.66
CA ASP B 226 -9.07 -8.95 2.91
C ASP B 226 -7.93 -9.90 3.30
N GLU B 227 -6.68 -9.51 3.03
CA GLU B 227 -5.52 -10.36 3.32
C GLU B 227 -5.33 -10.65 4.80
N GLY B 228 -5.88 -9.82 5.69
CA GLY B 228 -5.69 -10.04 7.10
C GLY B 228 -6.95 -10.06 7.96
N HIS B 229 -8.05 -10.64 7.47
CA HIS B 229 -9.24 -10.71 8.31
C HIS B 229 -9.98 -12.04 8.23
N ARG B 230 -9.40 -13.06 7.59
CA ARG B 230 -9.84 -14.46 7.65
C ARG B 230 -11.27 -14.65 7.13
N GLY B 231 -11.45 -14.37 5.85
CA GLY B 231 -12.76 -14.50 5.25
C GLY B 231 -12.90 -15.68 4.30
N ILE B 232 -13.74 -15.52 3.27
CA ILE B 232 -13.99 -16.57 2.29
C ILE B 232 -12.78 -16.74 1.38
N SER B 233 -12.78 -17.81 0.60
CA SER B 233 -11.64 -18.13 -0.26
C SER B 233 -11.59 -17.21 -1.48
N GLY B 234 -10.64 -17.46 -2.38
CA GLY B 234 -10.45 -16.57 -3.51
C GLY B 234 -11.40 -16.88 -4.64
N GLY B 235 -11.95 -18.09 -4.64
CA GLY B 235 -12.85 -18.49 -5.71
C GLY B 235 -14.30 -18.51 -5.28
N GLU B 236 -14.53 -18.29 -4.00
CA GLU B 236 -15.84 -17.90 -3.50
C GLU B 236 -15.98 -16.39 -3.41
N ARG B 237 -14.88 -15.66 -3.46
CA ARG B 237 -14.89 -14.21 -3.62
C ARG B 237 -15.21 -13.78 -5.04
N ARG B 238 -15.08 -14.71 -6.00
CA ARG B 238 -15.44 -14.44 -7.39
C ARG B 238 -16.90 -14.66 -7.68
N ARG B 239 -17.52 -15.67 -7.05
CA ARG B 239 -18.94 -15.91 -7.24
C ARG B 239 -19.80 -14.91 -6.46
N VAL B 240 -19.24 -14.25 -5.45
CA VAL B 240 -19.93 -13.10 -4.84
C VAL B 240 -19.74 -11.88 -5.72
N SER B 241 -18.57 -11.74 -6.36
CA SER B 241 -18.38 -10.68 -7.35
C SER B 241 -19.28 -10.88 -8.56
N ILE B 242 -19.45 -12.14 -9.00
CA ILE B 242 -20.40 -12.43 -10.07
C ILE B 242 -21.83 -12.24 -9.58
N GLY B 243 -22.11 -12.67 -8.35
CA GLY B 243 -23.45 -12.60 -7.79
C GLY B 243 -23.96 -11.20 -7.54
N ILE B 244 -23.06 -10.23 -7.36
CA ILE B 244 -23.49 -8.84 -7.22
C ILE B 244 -24.05 -8.32 -8.55
N ASP B 245 -23.39 -8.65 -9.65
CA ASP B 245 -23.81 -8.12 -10.94
C ASP B 245 -25.03 -8.83 -11.51
N ILE B 246 -25.38 -10.01 -11.00
CA ILE B 246 -26.51 -10.74 -11.50
C ILE B 246 -27.68 -10.76 -10.51
N ILE B 247 -27.73 -9.78 -9.61
CA ILE B 247 -28.79 -9.74 -8.60
C ILE B 247 -30.13 -9.41 -9.24
N HIS B 248 -30.14 -8.74 -10.39
CA HIS B 248 -31.36 -8.44 -11.12
C HIS B 248 -31.71 -9.51 -12.13
N ASP B 249 -30.94 -10.62 -12.16
CA ASP B 249 -31.11 -11.79 -13.01
C ASP B 249 -31.10 -11.41 -14.49
N PRO B 250 -29.95 -11.09 -15.06
CA PRO B 250 -29.93 -10.71 -16.48
C PRO B 250 -30.08 -11.92 -17.38
N ILE B 251 -30.54 -11.66 -18.61
CA ILE B 251 -30.62 -12.68 -19.64
C ILE B 251 -29.44 -12.62 -20.59
N VAL B 252 -28.59 -11.60 -20.47
CA VAL B 252 -27.35 -11.49 -21.22
C VAL B 252 -26.27 -11.12 -20.21
N LEU B 253 -25.20 -11.92 -20.14
CA LEU B 253 -24.20 -11.76 -19.10
C LEU B 253 -22.82 -11.72 -19.75
N PHE B 254 -22.12 -10.59 -19.58
CA PHE B 254 -20.75 -10.46 -20.03
C PHE B 254 -19.81 -10.51 -18.83
N LEU B 255 -18.71 -11.25 -18.96
CA LEU B 255 -17.73 -11.38 -17.90
C LEU B 255 -16.34 -11.15 -18.47
N ASP B 256 -15.60 -10.23 -17.87
CA ASP B 256 -14.22 -9.98 -18.26
C ASP B 256 -13.32 -10.81 -17.36
N GLU B 257 -12.91 -11.98 -17.87
CA GLU B 257 -12.03 -12.97 -17.24
C GLU B 257 -12.50 -13.38 -15.85
N PRO B 258 -13.57 -14.17 -15.74
CA PRO B 258 -14.06 -14.57 -14.41
C PRO B 258 -13.25 -15.69 -13.77
N THR B 259 -12.26 -16.24 -14.47
CA THR B 259 -11.44 -17.33 -13.95
C THR B 259 -10.00 -16.90 -13.71
N SER B 260 -9.70 -15.62 -13.79
CA SER B 260 -8.34 -15.13 -13.60
C SER B 260 -7.98 -15.13 -12.12
N GLY B 261 -6.78 -15.63 -11.81
CA GLY B 261 -6.27 -15.66 -10.47
C GLY B 261 -6.62 -16.91 -9.69
N LEU B 262 -7.58 -17.69 -10.18
CA LEU B 262 -8.03 -18.87 -9.47
C LEU B 262 -7.20 -20.09 -9.88
N ASP B 263 -7.31 -21.14 -9.07
CA ASP B 263 -6.65 -22.41 -9.36
C ASP B 263 -7.52 -23.21 -10.32
N SER B 264 -7.14 -24.48 -10.55
CA SER B 264 -7.83 -25.28 -11.56
C SER B 264 -9.15 -25.84 -11.06
N THR B 265 -9.30 -25.99 -9.74
CA THR B 265 -10.50 -26.60 -9.20
C THR B 265 -11.58 -25.58 -8.83
N SER B 266 -11.24 -24.30 -8.74
CA SER B 266 -12.23 -23.28 -8.45
C SER B 266 -12.58 -22.43 -9.66
N ALA B 267 -11.73 -22.42 -10.70
CA ALA B 267 -12.14 -21.88 -11.99
C ALA B 267 -13.14 -22.78 -12.68
N PHE B 268 -13.13 -24.08 -12.38
CA PHE B 268 -14.17 -24.97 -12.85
C PHE B 268 -15.47 -24.73 -12.11
N MET B 269 -15.40 -24.35 -10.83
CA MET B 269 -16.61 -24.07 -10.06
C MET B 269 -17.25 -22.76 -10.50
N VAL B 270 -16.47 -21.83 -11.02
CA VAL B 270 -17.03 -20.56 -11.51
C VAL B 270 -17.79 -20.79 -12.81
N VAL B 271 -17.21 -21.55 -13.74
CA VAL B 271 -17.89 -21.85 -15.00
C VAL B 271 -19.04 -22.84 -14.80
N LYS B 272 -18.98 -23.67 -13.74
CA LYS B 272 -20.09 -24.57 -13.48
C LYS B 272 -21.32 -23.86 -12.93
N VAL B 273 -21.14 -22.76 -12.20
CA VAL B 273 -22.30 -21.97 -11.82
C VAL B 273 -22.71 -21.01 -12.93
N LEU B 274 -21.79 -20.66 -13.83
CA LEU B 274 -22.19 -19.95 -15.03
C LEU B 274 -22.95 -20.86 -15.99
N LYS B 275 -22.63 -22.16 -15.99
CA LYS B 275 -23.47 -23.12 -16.69
C LYS B 275 -24.83 -23.24 -16.02
N ARG B 276 -24.89 -23.10 -14.70
CA ARG B 276 -26.17 -23.12 -14.02
C ARG B 276 -26.96 -21.84 -14.26
N ILE B 277 -26.25 -20.71 -14.43
CA ILE B 277 -26.91 -19.47 -14.84
C ILE B 277 -27.41 -19.60 -16.27
N ALA B 278 -26.55 -20.04 -17.17
CA ALA B 278 -26.92 -20.26 -18.57
C ALA B 278 -27.52 -21.64 -18.80
N GLU B 279 -28.52 -21.98 -18.00
CA GLU B 279 -29.54 -22.97 -18.35
C GLU B 279 -30.94 -22.50 -18.00
N SER B 280 -31.07 -21.40 -17.25
CA SER B 280 -32.35 -20.76 -17.01
C SER B 280 -32.71 -19.73 -18.07
N GLY B 281 -31.79 -19.43 -18.99
CA GLY B 281 -32.12 -18.56 -20.10
C GLY B 281 -31.11 -17.48 -20.41
N SER B 282 -29.97 -17.49 -19.75
CA SER B 282 -28.99 -16.42 -19.93
C SER B 282 -28.05 -16.72 -21.08
N ILE B 283 -27.68 -15.66 -21.80
CA ILE B 283 -26.61 -15.68 -22.78
C ILE B 283 -25.34 -15.21 -22.07
N ILE B 284 -24.33 -16.07 -22.01
CA ILE B 284 -23.11 -15.78 -21.28
C ILE B 284 -21.95 -15.70 -22.26
N ILE B 285 -21.25 -14.56 -22.25
CA ILE B 285 -20.11 -14.30 -23.12
C ILE B 285 -18.95 -13.88 -22.22
N MET B 286 -17.92 -14.71 -22.14
CA MET B 286 -16.84 -14.48 -21.21
C MET B 286 -15.50 -14.49 -21.93
N SER B 287 -14.54 -13.76 -21.37
CA SER B 287 -13.15 -13.87 -21.78
C SER B 287 -12.44 -14.87 -20.88
N ILE B 288 -11.47 -15.58 -21.45
CA ILE B 288 -10.71 -16.56 -20.69
C ILE B 288 -9.32 -16.65 -21.30
N HIS B 289 -8.30 -16.73 -20.44
CA HIS B 289 -6.93 -16.80 -20.93
C HIS B 289 -6.55 -18.22 -21.31
N GLN B 290 -6.59 -19.15 -20.36
CA GLN B 290 -6.21 -20.53 -20.59
C GLN B 290 -7.20 -21.45 -19.86
N PRO B 291 -8.20 -21.98 -20.56
CA PRO B 291 -9.19 -22.84 -19.89
C PRO B 291 -8.65 -24.23 -19.63
N SER B 292 -9.14 -24.83 -18.56
CA SER B 292 -8.84 -26.22 -18.24
C SER B 292 -9.58 -27.15 -19.19
N HIS B 293 -9.23 -28.44 -19.14
CA HIS B 293 -9.94 -29.41 -19.96
C HIS B 293 -11.33 -29.72 -19.40
N ARG B 294 -11.56 -29.49 -18.12
CA ARG B 294 -12.92 -29.65 -17.58
C ARG B 294 -13.84 -28.54 -18.08
N VAL B 295 -13.35 -27.30 -18.15
CA VAL B 295 -14.16 -26.25 -18.75
C VAL B 295 -13.87 -26.16 -20.25
N LEU B 296 -14.31 -27.17 -20.98
CA LEU B 296 -14.48 -27.10 -22.42
C LEU B 296 -15.74 -27.81 -22.89
N SER B 297 -16.34 -28.66 -22.05
CA SER B 297 -17.66 -29.21 -22.30
C SER B 297 -18.77 -28.33 -21.75
N LEU B 298 -18.42 -27.36 -20.92
CA LEU B 298 -19.35 -26.32 -20.50
C LEU B 298 -19.43 -25.20 -21.53
N LEU B 299 -18.28 -24.77 -22.05
CA LEU B 299 -18.26 -23.79 -23.13
C LEU B 299 -18.74 -24.43 -24.42
N ASP B 300 -19.79 -23.86 -25.01
CA ASP B 300 -20.35 -24.39 -26.24
C ASP B 300 -19.82 -23.70 -27.49
N ARG B 301 -19.02 -22.65 -27.34
CA ARG B 301 -18.46 -21.91 -28.47
C ARG B 301 -17.20 -21.21 -28.01
N LEU B 302 -16.22 -21.10 -28.91
CA LEU B 302 -14.97 -20.43 -28.64
C LEU B 302 -14.68 -19.42 -29.75
N ILE B 303 -13.95 -18.37 -29.39
CA ILE B 303 -13.47 -17.38 -30.35
C ILE B 303 -12.03 -17.04 -29.95
N PHE B 304 -11.10 -17.23 -30.88
CA PHE B 304 -9.70 -16.89 -30.68
C PHE B 304 -9.40 -15.59 -31.42
N LEU B 305 -8.69 -14.68 -30.76
CA LEU B 305 -8.34 -13.39 -31.35
C LEU B 305 -6.83 -13.23 -31.42
N SER B 306 -6.37 -12.47 -32.40
CA SER B 306 -4.95 -12.16 -32.58
C SER B 306 -4.84 -10.72 -33.05
N ARG B 307 -4.71 -9.78 -32.10
CA ARG B 307 -4.76 -8.33 -32.32
C ARG B 307 -6.02 -7.94 -33.11
N GLY B 308 -7.17 -8.27 -32.52
CA GLY B 308 -8.37 -8.36 -33.32
C GLY B 308 -8.35 -9.66 -34.09
N HIS B 309 -8.87 -9.64 -35.32
CA HIS B 309 -8.58 -10.62 -36.36
C HIS B 309 -8.89 -12.07 -35.96
N THR B 310 -10.18 -12.41 -35.81
CA THR B 310 -10.61 -13.73 -35.35
C THR B 310 -10.03 -14.89 -36.16
N VAL B 311 -9.23 -15.72 -35.49
CA VAL B 311 -8.48 -16.78 -36.17
C VAL B 311 -9.13 -18.16 -36.00
N PHE B 312 -9.95 -18.35 -34.96
CA PHE B 312 -10.79 -19.53 -34.84
C PHE B 312 -12.09 -19.12 -34.17
N SER B 313 -13.21 -19.60 -34.69
CA SER B 313 -14.52 -19.23 -34.15
C SER B 313 -15.47 -20.42 -34.37
N GLY B 314 -15.61 -21.25 -33.34
CA GLY B 314 -16.50 -22.39 -33.47
C GLY B 314 -16.57 -23.19 -32.19
N SER B 315 -17.22 -24.35 -32.31
CA SER B 315 -17.36 -25.28 -31.20
C SER B 315 -15.99 -25.82 -30.77
N PRO B 316 -15.82 -26.19 -29.50
CA PRO B 316 -14.53 -26.78 -29.07
C PRO B 316 -14.28 -28.16 -29.66
N ALA B 317 -15.31 -28.89 -30.08
CA ALA B 317 -15.10 -30.19 -30.69
C ALA B 317 -14.53 -30.08 -32.11
N SER B 318 -14.75 -28.96 -32.76
CA SER B 318 -14.21 -28.72 -34.10
C SER B 318 -12.82 -28.12 -34.08
N LEU B 319 -12.24 -27.93 -32.90
CA LEU B 319 -10.87 -27.43 -32.75
C LEU B 319 -9.79 -28.45 -33.12
N PRO B 320 -9.95 -29.77 -32.90
CA PRO B 320 -9.01 -30.70 -33.57
C PRO B 320 -9.10 -30.67 -35.09
N SER B 321 -10.30 -30.69 -35.65
CA SER B 321 -10.44 -30.67 -37.10
C SER B 321 -10.53 -29.23 -37.63
N PHE B 322 -9.61 -28.38 -37.19
CA PHE B 322 -9.40 -27.06 -37.76
C PHE B 322 -7.94 -26.81 -38.09
N PHE B 323 -7.03 -27.23 -37.23
CA PHE B 323 -5.60 -26.98 -37.44
C PHE B 323 -4.94 -28.08 -38.25
N ALA B 324 -5.56 -29.25 -38.34
CA ALA B 324 -5.09 -30.28 -39.26
C ALA B 324 -5.25 -29.82 -40.71
N GLY B 325 -6.38 -29.17 -41.00
CA GLY B 325 -6.55 -28.55 -42.31
C GLY B 325 -5.65 -27.35 -42.51
N PHE B 326 -5.31 -26.66 -41.42
CA PHE B 326 -4.45 -25.49 -41.52
C PHE B 326 -3.01 -25.88 -41.84
N GLY B 327 -2.53 -26.96 -41.22
CA GLY B 327 -1.18 -27.44 -41.48
C GLY B 327 -0.44 -27.91 -40.26
N ASN B 328 -1.06 -27.78 -39.09
CA ASN B 328 -0.45 -28.20 -37.82
C ASN B 328 -1.41 -29.08 -37.05
N PRO B 329 -1.40 -30.40 -37.31
CA PRO B 329 -2.25 -31.30 -36.53
C PRO B 329 -1.77 -31.41 -35.08
N ILE B 330 -2.72 -31.65 -34.19
CA ILE B 330 -2.49 -31.67 -32.74
C ILE B 330 -2.42 -33.11 -32.28
N PRO B 331 -1.55 -33.44 -31.32
CA PRO B 331 -1.54 -34.80 -30.78
C PRO B 331 -2.52 -34.96 -29.63
N GLU B 332 -2.93 -36.20 -29.40
CA GLU B 332 -3.82 -36.51 -28.30
C GLU B 332 -3.05 -36.53 -26.98
N ASN B 333 -3.79 -36.76 -25.89
CA ASN B 333 -3.31 -36.61 -24.51
C ASN B 333 -2.68 -35.24 -24.28
N GLU B 334 -3.40 -34.21 -24.74
CA GLU B 334 -2.91 -32.84 -24.72
C GLU B 334 -4.12 -31.92 -24.75
N ASN B 335 -4.09 -30.86 -23.94
CA ASN B 335 -5.18 -29.90 -23.91
C ASN B 335 -5.24 -29.15 -25.24
N GLN B 336 -6.43 -29.14 -25.86
CA GLN B 336 -6.56 -28.67 -27.23
C GLN B 336 -6.44 -27.15 -27.32
N THR B 337 -7.00 -26.42 -26.35
CA THR B 337 -6.85 -24.97 -26.34
C THR B 337 -5.45 -24.55 -25.91
N GLU B 338 -4.71 -25.42 -25.22
CA GLU B 338 -3.34 -25.10 -24.85
C GLU B 338 -2.43 -25.11 -26.07
N PHE B 339 -2.60 -26.09 -26.96
CA PHE B 339 -1.77 -26.15 -28.16
C PHE B 339 -2.20 -25.11 -29.18
N ALA B 340 -3.48 -24.76 -29.21
CA ALA B 340 -3.98 -23.77 -30.15
C ALA B 340 -3.64 -22.35 -29.75
N LEU B 341 -3.11 -22.12 -28.54
CA LEU B 341 -2.77 -20.79 -28.07
C LEU B 341 -1.27 -20.47 -28.18
N ASP B 342 -0.40 -21.39 -27.79
CA ASP B 342 1.03 -21.15 -27.94
C ASP B 342 1.51 -21.31 -29.37
N LEU B 343 0.69 -21.92 -30.23
CA LEU B 343 0.98 -21.94 -31.67
C LEU B 343 0.89 -20.55 -32.25
N ILE B 344 -0.08 -19.75 -31.78
CA ILE B 344 -0.29 -18.42 -32.32
C ILE B 344 0.80 -17.45 -31.85
N ARG B 345 1.24 -17.56 -30.60
CA ARG B 345 2.23 -16.63 -30.06
C ARG B 345 3.64 -16.87 -30.58
N GLU B 346 3.85 -17.90 -31.41
CA GLU B 346 5.09 -18.05 -32.17
C GLU B 346 4.85 -17.91 -33.67
N LEU B 347 3.63 -17.61 -34.10
CA LEU B 347 3.29 -17.55 -35.51
C LEU B 347 3.23 -16.13 -36.06
N GLU B 348 3.10 -15.12 -35.20
CA GLU B 348 3.02 -13.74 -35.68
C GLU B 348 4.35 -13.23 -36.24
N GLY B 349 5.47 -13.83 -35.81
CA GLY B 349 6.80 -13.64 -36.38
C GLY B 349 7.29 -12.23 -36.61
N SER B 350 8.20 -12.08 -37.57
CA SER B 350 8.65 -10.79 -38.07
C SER B 350 8.53 -10.69 -39.59
N ALA B 351 8.76 -11.80 -40.31
CA ALA B 351 8.60 -11.85 -41.75
C ALA B 351 7.38 -12.64 -42.19
N GLY B 352 6.71 -13.34 -41.27
CA GLY B 352 5.54 -14.12 -41.61
C GLY B 352 4.26 -13.41 -41.24
N GLY B 353 3.65 -13.80 -40.14
CA GLY B 353 2.45 -13.13 -39.66
C GLY B 353 1.26 -14.04 -39.46
N THR B 354 0.26 -13.54 -38.73
CA THR B 354 -0.98 -14.27 -38.49
C THR B 354 -1.95 -14.20 -39.66
N ARG B 355 -1.58 -13.51 -40.75
CA ARG B 355 -2.48 -13.31 -41.88
C ARG B 355 -2.78 -14.62 -42.60
N GLY B 356 -1.87 -15.59 -42.53
CA GLY B 356 -2.18 -16.91 -43.06
C GLY B 356 -3.21 -17.65 -42.22
N LEU B 357 -3.32 -17.32 -40.93
CA LEU B 357 -4.28 -17.95 -40.05
C LEU B 357 -5.61 -17.22 -40.01
N VAL B 358 -5.61 -15.90 -40.25
CA VAL B 358 -6.85 -15.12 -40.25
C VAL B 358 -7.73 -15.52 -41.44
N GLU B 359 -7.14 -15.55 -42.64
CA GLU B 359 -7.90 -15.89 -43.84
C GLU B 359 -8.28 -17.37 -43.90
N PHE B 360 -7.66 -18.23 -43.09
CA PHE B 360 -8.12 -19.61 -43.00
C PHE B 360 -9.34 -19.76 -42.08
N ASN B 361 -9.59 -18.78 -41.21
CA ASN B 361 -10.76 -18.85 -40.33
C ASN B 361 -12.04 -18.68 -41.12
N LYS B 362 -12.05 -17.73 -42.07
CA LYS B 362 -13.22 -17.56 -42.93
C LYS B 362 -13.36 -18.69 -43.94
N LYS B 363 -12.28 -19.44 -44.20
CA LYS B 363 -12.39 -20.66 -45.00
C LYS B 363 -13.20 -21.73 -44.27
N TRP B 364 -12.97 -21.89 -42.96
CA TRP B 364 -13.61 -22.96 -42.22
C TRP B 364 -15.08 -22.66 -41.92
N GLN B 365 -15.43 -21.38 -41.78
CA GLN B 365 -16.82 -21.01 -41.49
C GLN B 365 -17.72 -21.13 -42.72
N GLU B 366 -17.15 -21.09 -43.93
CA GLU B 366 -17.97 -21.16 -45.13
C GLU B 366 -18.40 -22.59 -45.45
N MET B 367 -17.58 -23.57 -45.10
CA MET B 367 -17.86 -24.96 -45.45
C MET B 367 -18.71 -25.69 -44.42
N LYS B 368 -18.89 -25.15 -43.23
CA LYS B 368 -19.69 -25.80 -42.21
C LYS B 368 -21.18 -25.48 -42.33
N LYS B 369 -21.54 -24.47 -43.13
CA LYS B 369 -22.94 -24.07 -43.24
C LYS B 369 -23.76 -25.05 -44.09
N GLN B 370 -23.10 -25.93 -44.84
CA GLN B 370 -23.79 -27.01 -45.55
C GLN B 370 -24.05 -28.15 -44.56
N SER B 371 -25.09 -27.96 -43.74
CA SER B 371 -25.44 -28.94 -42.72
C SER B 371 -26.58 -29.83 -43.16
N LEU B 386 -42.44 -13.56 -33.25
CA LEU B 386 -42.31 -13.00 -31.91
C LEU B 386 -41.31 -11.86 -31.87
N THR B 387 -41.72 -10.72 -31.33
CA THR B 387 -40.83 -9.58 -31.20
C THR B 387 -39.88 -9.78 -30.03
N LEU B 388 -38.89 -8.87 -29.93
CA LEU B 388 -37.95 -8.93 -28.82
C LEU B 388 -38.59 -8.45 -27.53
N LYS B 389 -39.42 -7.41 -27.60
CA LYS B 389 -40.03 -6.83 -26.41
C LYS B 389 -41.04 -7.79 -25.78
N GLU B 390 -41.65 -8.67 -26.57
CA GLU B 390 -42.51 -9.70 -26.03
C GLU B 390 -41.76 -10.95 -25.63
N ALA B 391 -40.53 -11.15 -26.13
CA ALA B 391 -39.69 -12.23 -25.64
C ALA B 391 -39.04 -11.88 -24.33
N ILE B 392 -38.73 -10.60 -24.10
CA ILE B 392 -38.25 -10.14 -22.80
C ILE B 392 -39.34 -10.29 -21.75
N SER B 393 -40.57 -9.92 -22.11
CA SER B 393 -41.70 -10.08 -21.21
C SER B 393 -42.09 -11.54 -21.02
N ALA B 394 -41.72 -12.42 -21.96
CA ALA B 394 -41.91 -13.85 -21.76
C ALA B 394 -40.91 -14.44 -20.79
N SER B 395 -39.77 -13.77 -20.60
CA SER B 395 -38.80 -14.20 -19.59
C SER B 395 -39.27 -13.86 -18.20
N ILE B 396 -39.90 -12.69 -18.03
CA ILE B 396 -40.46 -12.31 -16.74
C ILE B 396 -41.68 -13.17 -16.40
N SER B 397 -42.35 -13.74 -17.41
CA SER B 397 -43.44 -14.68 -17.15
C SER B 397 -42.92 -15.97 -16.52
N ARG B 398 -41.80 -16.50 -17.04
CA ARG B 398 -41.11 -17.60 -16.35
C ARG B 398 -40.50 -17.10 -15.05
N GLY B 399 -39.99 -15.88 -15.07
CA GLY B 399 -39.22 -15.26 -14.01
C GLY B 399 -37.77 -15.34 -14.40
N LYS B 400 -37.31 -14.32 -15.13
CA LYS B 400 -35.92 -14.25 -15.55
C LYS B 400 -35.46 -12.78 -15.59
N LEU B 401 -36.19 -11.88 -14.96
CA LEU B 401 -35.79 -10.46 -14.88
C LEU B 401 -36.46 -9.89 -13.64
N VAL B 402 -35.66 -9.58 -12.62
CA VAL B 402 -36.24 -9.05 -11.40
C VAL B 402 -36.53 -7.56 -11.54
N SER B 403 -35.60 -6.82 -12.14
CA SER B 403 -35.79 -5.38 -12.34
C SER B 403 -36.48 -5.10 -13.67
N PRO B 422 -36.98 3.45 -14.70
CA PRO B 422 -36.23 4.47 -13.94
C PRO B 422 -34.73 4.27 -14.04
N ALA B 423 -33.97 5.37 -13.94
CA ALA B 423 -32.52 5.27 -13.97
C ALA B 423 -31.99 4.66 -12.67
N PHE B 424 -32.56 5.05 -11.54
CA PHE B 424 -32.18 4.53 -10.24
C PHE B 424 -33.40 3.92 -9.58
N ALA B 425 -33.22 2.75 -8.98
CA ALA B 425 -34.34 2.02 -8.38
C ALA B 425 -34.85 2.65 -7.11
N ASN B 426 -34.05 3.49 -6.45
CA ASN B 426 -34.40 4.08 -5.17
C ASN B 426 -34.40 5.60 -5.29
N PRO B 427 -35.15 6.29 -4.43
CA PRO B 427 -34.99 7.74 -4.32
C PRO B 427 -33.66 8.10 -3.67
N PHE B 428 -33.36 9.40 -3.66
CA PHE B 428 -32.08 9.85 -3.13
C PHE B 428 -32.01 9.72 -1.62
N TRP B 429 -33.15 9.59 -0.94
CA TRP B 429 -33.18 9.44 0.51
C TRP B 429 -33.24 7.99 0.96
N ILE B 430 -33.57 7.06 0.07
CA ILE B 430 -33.55 5.64 0.41
C ILE B 430 -32.16 5.05 0.23
N GLU B 431 -31.47 5.39 -0.85
CA GLU B 431 -30.10 4.93 -1.07
C GLU B 431 -29.08 5.76 -0.31
N ILE B 432 -29.52 6.75 0.47
CA ILE B 432 -28.63 7.46 1.37
C ILE B 432 -28.66 6.84 2.77
N LYS B 433 -29.65 6.01 3.08
CA LYS B 433 -29.67 5.25 4.32
C LYS B 433 -29.12 3.85 4.14
N THR B 434 -29.01 3.37 2.91
CA THR B 434 -28.38 2.10 2.62
C THR B 434 -26.87 2.23 2.51
N LEU B 435 -26.40 3.33 1.91
CA LEU B 435 -24.97 3.63 1.91
C LEU B 435 -24.48 4.01 3.29
N THR B 436 -25.36 4.62 4.10
CA THR B 436 -25.05 4.86 5.52
C THR B 436 -24.94 3.55 6.28
N ARG B 437 -25.85 2.60 6.02
CA ARG B 437 -25.85 1.33 6.73
C ARG B 437 -24.67 0.46 6.32
N ARG B 438 -24.18 0.60 5.09
CA ARG B 438 -22.96 -0.09 4.68
C ARG B 438 -21.76 0.46 5.42
N SER B 439 -21.63 1.79 5.47
CA SER B 439 -20.43 2.41 6.04
C SER B 439 -20.42 2.31 7.54
N ILE B 440 -21.59 2.21 8.17
CA ILE B 440 -21.65 1.91 9.59
C ILE B 440 -21.17 0.50 9.86
N LEU B 441 -21.69 -0.47 9.09
CA LEU B 441 -21.33 -1.88 9.28
C LEU B 441 -19.89 -2.16 8.89
N ASN B 442 -19.35 -1.44 7.92
CA ASN B 442 -17.98 -1.66 7.49
C ASN B 442 -16.96 -1.07 8.45
N SER B 443 -17.38 -0.12 9.29
CA SER B 443 -16.51 0.48 10.30
C SER B 443 -16.75 -0.05 11.69
N ARG B 444 -17.97 -0.51 12.00
CA ARG B 444 -18.23 -1.15 13.28
C ARG B 444 -17.50 -2.47 13.39
N ARG B 445 -17.36 -3.19 12.28
CA ARG B 445 -16.63 -4.45 12.24
C ARG B 445 -15.17 -4.26 11.91
N GLN B 446 -14.72 -3.01 11.77
CA GLN B 446 -13.31 -2.69 11.56
C GLN B 446 -12.92 -1.58 12.54
N PRO B 447 -12.89 -1.88 13.84
CA PRO B 447 -12.77 -0.82 14.84
C PRO B 447 -11.36 -0.33 15.13
N GLU B 448 -10.34 -0.93 14.53
CA GLU B 448 -8.97 -0.46 14.69
C GLU B 448 -8.63 0.65 13.72
N LEU B 449 -9.61 1.14 12.96
CA LEU B 449 -9.49 2.33 12.13
C LEU B 449 -9.80 3.60 12.90
N LEU B 450 -10.89 3.62 13.67
CA LEU B 450 -11.07 4.61 14.73
C LEU B 450 -10.62 4.03 16.07
N GLY B 451 -9.44 3.44 16.05
CA GLY B 451 -8.71 3.14 17.26
C GLY B 451 -7.33 3.72 17.10
N MET B 452 -6.91 3.84 15.84
CA MET B 452 -5.63 4.43 15.50
C MET B 452 -5.75 5.91 15.19
N ARG B 453 -6.89 6.33 14.62
CA ARG B 453 -7.14 7.76 14.45
C ARG B 453 -7.59 8.40 15.76
N LEU B 454 -8.17 7.61 16.67
CA LEU B 454 -8.52 8.09 17.99
C LEU B 454 -7.30 8.19 18.90
N ALA B 455 -6.41 7.20 18.88
CA ALA B 455 -5.17 7.28 19.62
C ALA B 455 -4.06 7.88 18.76
N THR B 456 -4.37 8.99 18.11
CA THR B 456 -3.39 9.87 17.48
C THR B 456 -3.76 11.29 17.86
N VAL B 457 -5.05 11.51 18.12
CA VAL B 457 -5.51 12.79 18.65
C VAL B 457 -5.53 12.81 20.16
N ILE B 458 -5.46 11.65 20.81
CA ILE B 458 -5.33 11.57 22.26
C ILE B 458 -3.86 11.59 22.67
N VAL B 459 -3.01 10.94 21.89
CA VAL B 459 -1.57 10.96 22.16
C VAL B 459 -1.00 12.34 21.88
N THR B 460 -1.37 12.95 20.75
CA THR B 460 -0.98 14.34 20.50
C THR B 460 -1.69 15.28 21.46
N GLY B 461 -2.92 14.95 21.85
CA GLY B 461 -3.62 15.75 22.84
C GLY B 461 -2.99 15.68 24.21
N PHE B 462 -2.48 14.51 24.60
CA PHE B 462 -1.77 14.38 25.87
C PHE B 462 -0.39 15.03 25.81
N ILE B 463 0.28 14.97 24.67
CA ILE B 463 1.59 15.59 24.54
C ILE B 463 1.47 17.11 24.54
N LEU B 464 0.54 17.66 23.75
CA LEU B 464 0.38 19.10 23.65
C LEU B 464 -0.15 19.71 24.95
N ALA B 465 -0.88 18.95 25.75
CA ALA B 465 -1.40 19.45 27.01
C ALA B 465 -0.35 19.48 28.11
N THR B 466 0.61 18.57 28.07
CA THR B 466 1.63 18.47 29.11
C THR B 466 2.87 19.29 28.81
N VAL B 467 3.19 19.49 27.53
CA VAL B 467 4.27 20.40 27.16
C VAL B 467 3.85 21.84 27.39
N PHE B 468 2.70 22.21 26.85
CA PHE B 468 2.13 23.54 27.05
C PHE B 468 1.20 23.55 28.25
N TRP B 469 1.70 23.09 29.40
CA TRP B 469 0.86 22.94 30.59
C TRP B 469 0.76 24.28 31.31
N ARG B 470 -0.45 24.86 31.31
CA ARG B 470 -0.82 26.07 32.03
C ARG B 470 0.13 27.23 31.69
N LEU B 471 0.04 27.65 30.43
CA LEU B 471 0.91 28.69 29.91
C LEU B 471 0.64 30.03 30.60
N ASP B 472 1.72 30.71 30.98
CA ASP B 472 1.60 31.97 31.68
C ASP B 472 1.39 33.12 30.70
N ASN B 473 1.27 34.33 31.24
CA ASN B 473 1.05 35.53 30.43
C ASN B 473 2.35 36.26 30.15
N SER B 474 3.44 35.52 30.04
CA SER B 474 4.72 36.09 29.65
C SER B 474 4.67 36.43 28.17
N PRO B 475 5.58 37.30 27.69
CA PRO B 475 5.71 37.46 26.23
C PRO B 475 6.20 36.21 25.52
N LYS B 476 6.93 35.33 26.21
CA LYS B 476 7.35 34.06 25.67
C LYS B 476 6.26 33.00 25.80
N GLY B 477 5.35 33.14 26.76
CA GLY B 477 4.17 32.30 26.85
C GLY B 477 3.06 32.67 25.91
N VAL B 478 3.17 33.82 25.24
CA VAL B 478 2.27 34.19 24.15
C VAL B 478 2.70 33.48 22.87
N GLN B 479 3.99 33.47 22.57
CA GLN B 479 4.52 32.77 21.41
C GLN B 479 4.35 31.26 21.52
N GLU B 480 4.26 30.74 22.74
CA GLU B 480 3.94 29.34 22.95
C GLU B 480 2.46 29.05 22.75
N ARG B 481 1.59 30.04 22.92
CA ARG B 481 0.20 29.87 22.52
C ARG B 481 0.06 29.81 21.00
N LEU B 482 0.79 30.67 20.30
CA LEU B 482 0.82 30.62 18.84
C LEU B 482 1.43 29.32 18.34
N GLY B 483 2.38 28.75 19.09
CA GLY B 483 2.93 27.46 18.75
C GLY B 483 2.08 26.28 19.19
N PHE B 484 1.29 26.45 20.25
CA PHE B 484 0.31 25.43 20.59
C PHE B 484 -0.78 25.37 19.53
N PHE B 485 -1.38 26.51 19.21
CA PHE B 485 -2.52 26.58 18.30
C PHE B 485 -2.15 26.24 16.86
N ALA B 486 -0.88 26.40 16.47
CA ALA B 486 -0.47 25.97 15.15
C ALA B 486 -0.26 24.48 15.09
N PHE B 487 0.28 23.89 16.17
CA PHE B 487 0.44 22.45 16.21
C PHE B 487 -0.87 21.74 16.50
N ALA B 488 -1.76 22.38 17.28
CA ALA B 488 -3.07 21.77 17.56
C ALA B 488 -3.91 21.73 16.30
N MET B 489 -4.09 22.87 15.64
CA MET B 489 -4.96 22.95 14.47
C MET B 489 -4.40 22.23 13.25
N SER B 490 -3.14 21.83 13.25
CA SER B 490 -2.59 21.00 12.18
C SER B 490 -2.75 19.52 12.47
N THR B 491 -3.00 19.13 13.72
CA THR B 491 -3.33 17.73 14.04
C THR B 491 -4.65 17.34 13.42
N MET B 492 -5.60 18.28 13.35
CA MET B 492 -6.91 18.01 12.80
C MET B 492 -6.87 17.78 11.30
N PHE B 493 -5.83 18.24 10.63
CA PHE B 493 -5.69 18.03 9.21
C PHE B 493 -4.81 16.83 8.89
N TYR B 494 -3.84 16.53 9.75
CA TYR B 494 -2.94 15.41 9.53
C TYR B 494 -3.53 14.08 9.98
N THR B 495 -4.42 14.09 10.97
CA THR B 495 -5.09 12.87 11.37
C THR B 495 -6.26 12.52 10.46
N CYS B 496 -6.75 13.47 9.67
CA CYS B 496 -7.74 13.20 8.65
C CYS B 496 -7.13 12.63 7.39
N ALA B 497 -5.80 12.69 7.25
CA ALA B 497 -5.10 12.10 6.13
C ALA B 497 -4.79 10.62 6.34
N ASP B 498 -5.07 10.10 7.53
CA ASP B 498 -4.93 8.68 7.79
C ASP B 498 -6.07 7.87 7.16
N ALA B 499 -7.19 8.52 6.83
CA ALA B 499 -8.33 7.88 6.23
C ALA B 499 -8.23 7.75 4.73
N LEU B 500 -7.12 8.17 4.14
CA LEU B 500 -6.89 8.06 2.70
C LEU B 500 -6.78 6.63 2.16
N PRO B 501 -6.26 5.60 2.93
CA PRO B 501 -6.48 4.22 2.51
C PRO B 501 -7.94 3.84 2.33
N VAL B 502 -8.78 3.98 3.35
CA VAL B 502 -10.20 3.72 3.14
C VAL B 502 -10.88 5.06 2.79
N PHE B 503 -10.53 5.56 1.62
CA PHE B 503 -11.25 6.51 0.77
C PHE B 503 -11.12 6.14 -0.69
N LEU B 504 -10.00 5.54 -1.08
CA LEU B 504 -9.81 4.97 -2.41
C LEU B 504 -10.50 3.61 -2.50
N GLN B 505 -10.48 2.86 -1.39
CA GLN B 505 -11.12 1.55 -1.34
C GLN B 505 -12.64 1.68 -1.45
N GLU B 506 -13.20 2.74 -0.89
CA GLU B 506 -14.64 2.96 -1.02
C GLU B 506 -15.03 3.56 -2.36
N ARG B 507 -14.09 4.13 -3.11
CA ARG B 507 -14.40 4.70 -4.41
C ARG B 507 -13.90 3.86 -5.57
N TYR B 508 -13.14 2.80 -5.32
CA TYR B 508 -12.94 1.79 -6.33
C TYR B 508 -14.10 0.82 -6.39
N ILE B 509 -14.84 0.69 -5.28
CA ILE B 509 -16.08 -0.07 -5.27
C ILE B 509 -17.23 0.79 -5.78
N PHE B 510 -17.15 2.11 -5.58
CA PHE B 510 -18.16 3.03 -6.09
C PHE B 510 -18.15 3.07 -7.61
N MET B 511 -16.96 3.02 -8.22
CA MET B 511 -16.87 3.01 -9.68
C MET B 511 -17.36 1.70 -10.28
N ARG B 512 -17.35 0.61 -9.51
CA ARG B 512 -17.99 -0.62 -9.95
C ARG B 512 -19.50 -0.47 -9.95
N GLU B 513 -20.05 0.08 -8.88
CA GLU B 513 -21.49 0.18 -8.67
C GLU B 513 -22.12 1.40 -9.33
N THR B 514 -21.33 2.29 -9.93
CA THR B 514 -21.90 3.38 -10.71
C THR B 514 -22.27 2.92 -12.11
N ALA B 515 -21.63 1.87 -12.61
CA ALA B 515 -21.90 1.35 -13.94
C ALA B 515 -23.28 0.71 -14.05
N TYR B 516 -23.86 0.28 -12.92
CA TYR B 516 -25.18 -0.30 -12.89
C TYR B 516 -26.25 0.66 -12.43
N ASN B 517 -25.86 1.89 -12.10
CA ASN B 517 -26.70 2.92 -11.46
C ASN B 517 -27.34 2.36 -10.20
N ALA B 518 -26.49 1.79 -9.33
CA ALA B 518 -26.95 1.31 -8.04
C ALA B 518 -27.37 2.46 -7.14
N TYR B 519 -26.62 3.56 -7.20
CA TYR B 519 -26.96 4.78 -6.47
C TYR B 519 -26.36 5.96 -7.21
N ARG B 520 -26.77 7.15 -6.81
CA ARG B 520 -26.30 8.37 -7.46
C ARG B 520 -24.93 8.76 -6.91
N ARG B 521 -24.27 9.66 -7.63
CA ARG B 521 -23.03 10.23 -7.12
C ARG B 521 -23.31 11.24 -6.00
N SER B 522 -24.47 11.88 -6.04
CA SER B 522 -24.83 12.80 -4.96
C SER B 522 -25.13 12.03 -3.68
N SER B 523 -25.78 10.87 -3.80
CA SER B 523 -26.07 10.06 -2.62
C SER B 523 -24.83 9.38 -2.06
N TYR B 524 -23.75 9.30 -2.83
CA TYR B 524 -22.51 8.72 -2.32
C TYR B 524 -21.68 9.77 -1.58
N VAL B 525 -21.63 10.99 -2.10
CA VAL B 525 -20.88 12.06 -1.46
C VAL B 525 -21.58 12.52 -0.18
N LEU B 526 -22.91 12.56 -0.20
CA LEU B 526 -23.66 13.00 0.97
C LEU B 526 -23.67 11.96 2.08
N SER B 527 -23.77 10.69 1.74
CA SER B 527 -23.80 9.66 2.77
C SER B 527 -22.43 9.33 3.33
N HIS B 528 -21.36 9.79 2.68
CA HIS B 528 -20.02 9.62 3.21
C HIS B 528 -19.51 10.85 3.93
N ALA B 529 -20.19 11.99 3.75
CA ALA B 529 -20.01 13.11 4.66
C ALA B 529 -20.82 12.93 5.94
N ILE B 530 -21.82 12.07 5.91
CA ILE B 530 -22.71 11.85 7.05
C ILE B 530 -22.12 10.84 8.03
N VAL B 531 -21.57 9.73 7.53
CA VAL B 531 -21.12 8.65 8.41
C VAL B 531 -19.84 9.02 9.14
N THR B 532 -19.01 9.88 8.54
CA THR B 532 -17.78 10.27 9.21
C THR B 532 -18.01 11.32 10.29
N PHE B 533 -19.14 12.01 10.27
CA PHE B 533 -19.38 13.10 11.20
C PHE B 533 -19.55 12.71 12.67
N PRO B 534 -20.24 11.61 13.05
CA PRO B 534 -20.17 11.20 14.47
C PRO B 534 -18.80 10.72 14.90
N SER B 535 -17.98 10.22 13.97
CA SER B 535 -16.59 9.95 14.29
C SER B 535 -15.81 11.21 14.55
N LEU B 536 -16.12 12.30 13.84
CA LEU B 536 -15.40 13.55 14.02
C LEU B 536 -15.86 14.34 15.23
N ILE B 537 -17.09 14.11 15.71
CA ILE B 537 -17.55 14.76 16.94
C ILE B 537 -16.84 14.15 18.14
N PHE B 538 -16.57 12.84 18.10
CA PHE B 538 -15.86 12.19 19.20
C PHE B 538 -14.38 12.55 19.19
N LEU B 539 -13.78 12.70 18.01
CA LEU B 539 -12.41 13.16 17.91
C LEU B 539 -12.25 14.62 18.31
N SER B 540 -13.31 15.41 18.20
CA SER B 540 -13.26 16.82 18.56
C SER B 540 -13.44 17.05 20.04
N LEU B 541 -14.20 16.18 20.71
CA LEU B 541 -14.31 16.26 22.15
C LEU B 541 -13.14 15.63 22.86
N ALA B 542 -12.49 14.64 22.25
CA ALA B 542 -11.31 14.03 22.84
C ALA B 542 -10.12 14.97 22.80
N PHE B 543 -10.00 15.78 21.75
CA PHE B 543 -8.90 16.72 21.66
C PHE B 543 -9.16 17.99 22.46
N ALA B 544 -10.43 18.34 22.66
CA ALA B 544 -10.72 19.59 23.36
C ALA B 544 -10.72 19.45 24.87
N VAL B 545 -11.22 18.34 25.42
CA VAL B 545 -11.18 18.21 26.87
C VAL B 545 -9.79 17.87 27.36
N THR B 546 -8.90 17.39 26.48
CA THR B 546 -7.53 17.13 26.89
C THR B 546 -6.72 18.42 26.95
N THR B 547 -6.99 19.36 26.04
CA THR B 547 -6.12 20.51 25.84
C THR B 547 -6.72 21.85 26.22
N PHE B 548 -7.99 21.93 26.61
CA PHE B 548 -8.50 23.24 26.99
C PHE B 548 -8.12 23.60 28.42
N TRP B 549 -8.45 22.72 29.37
CA TRP B 549 -8.22 23.00 30.77
C TRP B 549 -6.78 22.77 31.19
N ALA B 550 -6.03 21.98 30.43
CA ALA B 550 -4.66 21.66 30.76
C ALA B 550 -3.68 22.70 30.23
N VAL B 551 -3.89 23.19 29.01
CA VAL B 551 -3.11 24.31 28.52
C VAL B 551 -3.56 25.61 29.19
N GLY B 552 -4.79 25.66 29.69
CA GLY B 552 -5.25 26.83 30.39
C GLY B 552 -5.73 27.88 29.41
N LEU B 553 -6.57 27.47 28.48
CA LEU B 553 -7.03 28.38 27.45
C LEU B 553 -8.14 29.27 27.98
N GLU B 554 -8.27 30.43 27.36
CA GLU B 554 -9.19 31.47 27.84
C GLU B 554 -10.56 31.31 27.18
N GLY B 555 -11.59 31.75 27.90
CA GLY B 555 -12.93 31.72 27.38
C GLY B 555 -13.95 31.22 28.39
N GLY B 556 -13.52 30.38 29.29
CA GLY B 556 -14.42 29.79 30.27
C GLY B 556 -15.11 28.56 29.72
N LEU B 557 -16.44 28.59 29.67
CA LEU B 557 -17.22 27.52 29.06
C LEU B 557 -17.74 27.89 27.69
N MET B 558 -18.00 29.17 27.43
CA MET B 558 -18.36 29.62 26.10
C MET B 558 -17.16 29.74 25.18
N GLY B 559 -15.95 29.67 25.72
CA GLY B 559 -14.75 29.61 24.90
C GLY B 559 -14.35 28.18 24.67
N PHE B 560 -14.89 27.27 25.49
CA PHE B 560 -14.68 25.85 25.30
C PHE B 560 -15.61 25.29 24.24
N LEU B 561 -16.86 25.77 24.21
CA LEU B 561 -17.80 25.34 23.17
C LEU B 561 -17.36 25.80 21.79
N PHE B 562 -16.81 27.01 21.69
CA PHE B 562 -16.23 27.43 20.43
C PHE B 562 -14.96 26.66 20.11
N TYR B 563 -14.22 26.24 21.14
CA TYR B 563 -13.03 25.43 20.92
C TYR B 563 -13.38 24.07 20.36
N CYS B 564 -14.48 23.47 20.82
CA CYS B 564 -14.95 22.21 20.24
C CYS B 564 -15.46 22.40 18.83
N LEU B 565 -16.09 23.56 18.55
CA LEU B 565 -16.66 23.80 17.23
C LEU B 565 -15.60 24.01 16.17
N ILE B 566 -14.49 24.68 16.53
CA ILE B 566 -13.43 24.94 15.56
C ILE B 566 -12.52 23.72 15.38
N ILE B 567 -12.47 22.81 16.36
CA ILE B 567 -11.80 21.53 16.13
C ILE B 567 -12.65 20.65 15.24
N LEU B 568 -13.97 20.69 15.44
CA LEU B 568 -14.89 19.90 14.63
C LEU B 568 -14.94 20.40 13.19
N ALA B 569 -14.91 21.72 13.00
CA ALA B 569 -14.84 22.28 11.66
C ALA B 569 -13.51 22.02 10.99
N SER B 570 -12.43 21.86 11.76
CA SER B 570 -11.13 21.54 11.20
C SER B 570 -11.02 20.06 10.87
N PHE B 571 -11.70 19.21 11.63
CA PHE B 571 -11.83 17.80 11.24
C PHE B 571 -12.72 17.67 10.02
N TRP B 572 -13.74 18.51 9.91
CA TRP B 572 -14.65 18.46 8.77
C TRP B 572 -13.99 19.02 7.51
N SER B 573 -13.23 20.11 7.65
CA SER B 573 -12.50 20.67 6.52
C SER B 573 -11.31 19.82 6.11
N GLY B 574 -10.75 19.04 7.04
CA GLY B 574 -9.63 18.20 6.75
C GLY B 574 -10.03 16.87 6.17
N SER B 575 -11.17 16.34 6.61
CA SER B 575 -11.68 15.11 6.02
C SER B 575 -12.17 15.34 4.60
N SER B 576 -12.72 16.52 4.33
CA SER B 576 -13.22 16.85 3.00
C SER B 576 -12.08 17.07 2.01
N PHE B 577 -10.94 17.59 2.49
CA PHE B 577 -9.80 17.82 1.62
C PHE B 577 -9.11 16.52 1.25
N VAL B 578 -9.01 15.59 2.20
CA VAL B 578 -8.43 14.28 1.91
C VAL B 578 -9.40 13.45 1.07
N THR B 579 -10.70 13.64 1.25
CA THR B 579 -11.69 13.03 0.37
C THR B 579 -11.60 13.61 -1.04
N PHE B 580 -11.36 14.92 -1.14
CA PHE B 580 -11.14 15.54 -2.45
C PHE B 580 -9.84 15.04 -3.08
N LEU B 581 -8.79 14.88 -2.27
CA LEU B 581 -7.54 14.30 -2.76
C LEU B 581 -7.58 12.78 -2.69
N SER B 582 -8.63 12.18 -3.22
CA SER B 582 -8.68 10.75 -3.51
C SER B 582 -9.36 10.47 -4.83
N GLY B 583 -10.08 11.43 -5.40
CA GLY B 583 -10.48 11.37 -6.78
C GLY B 583 -9.46 11.94 -7.73
N VAL B 584 -8.36 12.46 -7.19
CA VAL B 584 -7.30 13.04 -8.00
C VAL B 584 -6.03 12.19 -8.00
N VAL B 585 -5.77 11.41 -6.95
CA VAL B 585 -4.58 10.58 -6.90
C VAL B 585 -4.94 9.13 -7.16
N PRO B 586 -4.13 8.41 -7.95
CA PRO B 586 -4.39 6.98 -8.15
C PRO B 586 -3.98 6.12 -6.98
N HIS B 587 -2.81 6.42 -6.42
CA HIS B 587 -2.12 5.55 -5.49
C HIS B 587 -2.22 6.10 -4.06
N VAL B 588 -2.14 5.19 -3.09
CA VAL B 588 -2.23 5.57 -1.69
C VAL B 588 -0.91 6.12 -1.16
N MET B 589 0.23 5.77 -1.77
CA MET B 589 1.51 6.32 -1.34
C MET B 589 1.84 7.63 -2.03
N LEU B 590 1.40 7.81 -3.27
CA LEU B 590 1.51 9.12 -3.91
C LEU B 590 0.57 10.11 -3.27
N GLY B 591 -0.63 9.67 -2.89
CA GLY B 591 -1.60 10.56 -2.31
C GLY B 591 -1.26 10.99 -0.90
N TYR B 592 -0.68 10.10 -0.11
CA TYR B 592 -0.31 10.43 1.26
C TYR B 592 1.08 11.07 1.35
N THR B 593 1.83 11.10 0.26
CA THR B 593 3.00 11.97 0.19
C THR B 593 2.57 13.39 -0.22
N ILE B 594 1.63 13.49 -1.16
CA ILE B 594 1.16 14.77 -1.64
C ILE B 594 0.35 15.50 -0.55
N VAL B 595 -0.48 14.77 0.20
CA VAL B 595 -1.29 15.43 1.20
C VAL B 595 -0.48 15.81 2.44
N VAL B 596 0.63 15.12 2.71
CA VAL B 596 1.51 15.55 3.78
C VAL B 596 2.27 16.81 3.37
N ALA B 597 2.66 16.89 2.10
CA ALA B 597 3.37 18.07 1.60
C ALA B 597 2.46 19.29 1.48
N ILE B 598 1.22 19.10 1.07
CA ILE B 598 0.32 20.23 0.86
C ILE B 598 -0.16 20.80 2.20
N LEU B 599 -0.46 19.93 3.17
CA LEU B 599 -0.86 20.39 4.49
C LEU B 599 0.28 21.04 5.26
N ALA B 600 1.52 20.71 4.92
CA ALA B 600 2.65 21.46 5.44
C ALA B 600 2.73 22.84 4.83
N TYR B 601 2.32 23.00 3.57
CA TYR B 601 2.25 24.32 2.97
C TYR B 601 1.03 25.10 3.43
N PHE B 602 -0.03 24.40 3.85
CA PHE B 602 -1.15 25.08 4.49
C PHE B 602 -0.78 25.61 5.86
N LEU B 603 0.19 24.97 6.52
CA LEU B 603 0.66 25.38 7.84
C LEU B 603 1.71 26.49 7.75
N LEU B 604 2.55 26.46 6.72
CA LEU B 604 3.51 27.55 6.48
C LEU B 604 2.81 28.85 6.14
N PHE B 605 1.65 28.77 5.48
CA PHE B 605 0.87 29.92 5.07
C PHE B 605 -0.28 30.24 6.01
N SER B 606 -0.33 29.62 7.17
CA SER B 606 -1.40 29.88 8.13
C SER B 606 -1.22 31.21 8.85
N GLY B 607 -0.07 31.86 8.73
CA GLY B 607 0.21 33.05 9.48
C GLY B 607 1.00 32.82 10.75
N PHE B 608 1.46 31.60 10.99
CA PHE B 608 2.27 31.31 12.16
C PHE B 608 3.76 31.45 11.86
N PHE B 609 4.23 30.84 10.77
CA PHE B 609 5.65 30.92 10.43
C PHE B 609 6.01 32.29 9.89
N ILE B 610 5.14 32.88 9.07
CA ILE B 610 5.31 34.23 8.57
C ILE B 610 3.93 34.87 8.53
N ASN B 611 3.81 36.10 9.03
CA ASN B 611 2.52 36.74 9.18
C ASN B 611 1.97 37.17 7.83
N ARG B 612 0.67 37.50 7.83
CA ARG B 612 -0.04 37.87 6.60
C ARG B 612 0.51 39.15 5.99
N ASP B 613 0.87 40.12 6.82
CA ASP B 613 1.44 41.37 6.33
C ASP B 613 2.93 41.28 6.05
N ARG B 614 3.52 40.09 6.13
CA ARG B 614 4.91 39.86 5.75
C ARG B 614 5.07 38.88 4.60
N ILE B 615 4.05 38.08 4.31
CA ILE B 615 4.04 37.17 3.15
C ILE B 615 4.09 38.02 1.88
N PRO B 616 4.94 37.68 0.91
CA PRO B 616 5.09 38.51 -0.30
C PRO B 616 3.83 38.55 -1.14
N GLN B 617 3.74 39.57 -1.99
CA GLN B 617 2.51 39.83 -2.71
C GLN B 617 2.27 38.85 -3.85
N TYR B 618 3.32 38.17 -4.32
CA TYR B 618 3.13 37.08 -5.26
C TYR B 618 2.72 35.79 -4.57
N TRP B 619 2.66 35.78 -3.24
CA TRP B 619 2.24 34.61 -2.50
C TRP B 619 1.01 34.84 -1.64
N ILE B 620 0.43 36.04 -1.63
CA ILE B 620 -0.77 36.23 -0.81
C ILE B 620 -2.00 35.90 -1.66
N TRP B 621 -2.09 34.63 -2.02
CA TRP B 621 -3.28 33.96 -2.52
C TRP B 621 -3.41 32.54 -2.00
N PHE B 622 -2.29 31.90 -1.65
CA PHE B 622 -2.22 30.61 -1.00
C PHE B 622 -2.27 30.76 0.51
N HIS B 623 -2.05 31.97 1.02
CA HIS B 623 -2.36 32.27 2.39
C HIS B 623 -3.87 32.25 2.61
N TYR B 624 -4.63 32.89 1.72
CA TYR B 624 -6.08 32.88 1.83
C TYR B 624 -6.69 31.56 1.38
N LEU B 625 -5.93 30.72 0.68
CA LEU B 625 -6.33 29.37 0.34
C LEU B 625 -5.82 28.36 1.34
N SER B 626 -5.14 28.80 2.39
CA SER B 626 -4.66 27.91 3.43
C SER B 626 -5.82 27.36 4.23
N LEU B 627 -5.85 26.05 4.40
CA LEU B 627 -6.88 25.42 5.22
C LEU B 627 -6.58 25.53 6.70
N VAL B 628 -5.32 25.69 7.09
CA VAL B 628 -4.96 25.80 8.50
C VAL B 628 -5.13 27.23 9.02
N LYS B 629 -5.20 28.22 8.11
CA LYS B 629 -5.18 29.63 8.52
C LYS B 629 -6.42 30.03 9.30
N TYR B 630 -7.59 29.65 8.83
CA TYR B 630 -8.85 30.05 9.43
C TYR B 630 -9.16 29.32 10.75
N PRO B 631 -8.86 28.02 10.94
CA PRO B 631 -8.86 27.50 12.31
C PRO B 631 -7.85 28.16 13.22
N TYR B 632 -6.64 28.45 12.71
CA TYR B 632 -5.62 29.08 13.53
C TYR B 632 -6.00 30.51 13.87
N GLU B 633 -6.56 31.25 12.93
CA GLU B 633 -6.98 32.61 13.22
C GLU B 633 -8.24 32.69 14.06
N ALA B 634 -8.99 31.59 14.20
CA ALA B 634 -10.20 31.59 15.02
C ALA B 634 -9.92 31.25 16.47
N VAL B 635 -8.90 30.44 16.74
CA VAL B 635 -8.54 30.15 18.12
C VAL B 635 -7.67 31.23 18.73
N LEU B 636 -7.03 32.06 17.91
CA LEU B 636 -6.26 33.17 18.47
C LEU B 636 -7.18 34.25 19.01
N GLN B 637 -8.26 34.57 18.30
CA GLN B 637 -9.22 35.53 18.83
C GLN B 637 -10.35 34.86 19.60
N ASN B 638 -10.26 33.57 19.85
CA ASN B 638 -11.01 32.98 20.96
C ASN B 638 -10.21 33.07 22.25
N GLU B 639 -8.88 33.01 22.15
CA GLU B 639 -7.98 33.10 23.29
C GLU B 639 -7.60 34.54 23.60
N PHE B 640 -7.10 35.28 22.61
CA PHE B 640 -6.67 36.65 22.84
C PHE B 640 -7.77 37.65 22.54
N SER B 641 -8.97 37.43 23.09
CA SER B 641 -10.04 38.42 23.03
C SER B 641 -10.65 38.48 24.42
N ASP B 642 -10.03 39.28 25.28
CA ASP B 642 -10.45 39.49 26.65
C ASP B 642 -9.83 40.78 27.13
N PRO B 643 -10.61 41.77 27.57
CA PRO B 643 -10.02 43.02 28.08
C PRO B 643 -9.51 42.91 29.51
N THR B 644 -9.64 41.75 30.15
CA THR B 644 -9.16 41.56 31.52
C THR B 644 -7.78 40.93 31.56
N GLU B 645 -7.50 39.97 30.68
CA GLU B 645 -6.19 39.34 30.64
C GLU B 645 -5.16 40.28 30.05
N CYS B 646 -3.95 40.22 30.57
CA CYS B 646 -2.90 41.16 30.21
C CYS B 646 -1.57 40.41 30.12
N PHE B 647 -0.73 40.83 29.19
CA PHE B 647 0.52 40.14 28.93
C PHE B 647 1.76 41.00 29.16
N VAL B 648 1.62 42.31 29.24
CA VAL B 648 2.68 43.22 29.68
C VAL B 648 2.06 44.11 30.74
N ARG B 649 2.38 43.85 32.01
CA ARG B 649 1.80 44.61 33.12
C ARG B 649 2.69 45.77 33.54
N GLY B 650 3.10 46.60 32.57
CA GLY B 650 3.89 47.78 32.87
C GLY B 650 5.37 47.52 33.12
N VAL B 651 5.69 46.59 34.01
CA VAL B 651 7.08 46.28 34.32
C VAL B 651 7.68 45.33 33.28
N GLN B 652 6.86 44.66 32.48
CA GLN B 652 7.34 43.72 31.48
C GLN B 652 7.80 44.39 30.19
N LEU B 653 7.95 45.72 30.17
CA LEU B 653 8.64 46.39 29.09
C LEU B 653 10.11 45.97 29.04
N PHE B 654 10.82 46.14 30.15
CA PHE B 654 12.26 45.96 30.20
C PHE B 654 12.68 44.70 30.95
N ASP B 655 11.87 43.65 30.88
CA ASP B 655 12.26 42.38 31.49
C ASP B 655 13.01 41.46 30.54
N ASN B 656 12.75 41.55 29.24
CA ASN B 656 13.55 40.82 28.25
C ASN B 656 14.02 41.76 27.15
N SER B 657 14.05 43.05 27.46
CA SER B 657 14.66 44.07 26.61
C SER B 657 16.18 43.92 26.70
N PRO B 658 16.93 44.51 25.75
CA PRO B 658 18.40 44.51 25.87
C PRO B 658 18.97 45.43 26.94
N LEU B 659 18.13 46.02 27.79
CA LEU B 659 18.57 46.91 28.85
C LEU B 659 17.53 46.87 29.97
N GLY B 660 17.74 47.70 30.99
CA GLY B 660 16.78 47.83 32.07
C GLY B 660 16.72 46.65 33.02
N GLU B 661 17.82 45.91 33.19
CA GLU B 661 17.85 44.72 34.03
C GLU B 661 18.07 45.12 35.49
N LEU B 662 17.05 45.75 36.07
CA LEU B 662 17.10 46.23 37.44
C LEU B 662 16.41 45.20 38.36
N THR B 663 16.34 45.49 39.67
CA THR B 663 15.73 44.52 40.56
C THR B 663 14.21 44.66 40.57
N TYR B 664 13.69 45.74 41.17
CA TYR B 664 12.37 46.25 40.82
C TYR B 664 12.44 47.76 40.80
N GLY B 665 13.40 48.31 41.54
CA GLY B 665 13.54 49.74 41.65
C GLY B 665 14.18 50.35 40.42
N MET B 666 13.86 51.64 40.22
CA MET B 666 14.42 52.56 39.21
C MET B 666 13.92 52.21 37.80
N LYS B 667 13.16 51.12 37.66
CA LYS B 667 12.38 50.88 36.45
C LYS B 667 11.22 51.86 36.36
N LEU B 668 10.65 52.24 37.51
CA LEU B 668 9.54 53.17 37.52
C LEU B 668 9.97 54.56 37.06
N ARG B 669 11.23 54.93 37.30
CA ARG B 669 11.77 56.15 36.73
C ARG B 669 11.94 56.04 35.22
N LEU B 670 12.28 54.84 34.72
CA LEU B 670 12.28 54.60 33.28
C LEU B 670 10.87 54.68 32.70
N LEU B 671 9.89 54.18 33.44
CA LEU B 671 8.49 54.23 32.99
C LEU B 671 7.92 55.63 33.10
N ASP B 672 8.34 56.38 34.11
CA ASP B 672 7.93 57.79 34.19
C ASP B 672 8.65 58.63 33.15
N SER B 673 9.80 58.17 32.66
CA SER B 673 10.51 58.87 31.60
C SER B 673 9.82 58.75 30.25
N VAL B 674 8.91 57.77 30.10
CA VAL B 674 8.11 57.67 28.88
C VAL B 674 7.15 58.85 28.77
N SER B 675 6.72 59.41 29.89
CA SER B 675 5.86 60.59 29.91
C SER B 675 6.56 61.86 29.46
N ARG B 676 7.88 61.84 29.26
CA ARG B 676 8.57 63.00 28.70
C ARG B 676 8.17 63.25 27.25
N SER B 677 8.04 62.18 26.47
CA SER B 677 7.79 62.29 25.05
C SER B 677 6.37 61.92 24.64
N ILE B 678 5.64 61.20 25.48
CA ILE B 678 4.31 60.70 25.13
C ILE B 678 3.22 61.45 25.88
N GLY B 679 3.41 61.70 27.17
CA GLY B 679 2.41 62.31 28.00
C GLY B 679 1.57 61.33 28.80
N MET B 680 1.55 60.06 28.40
CA MET B 680 0.80 59.04 29.11
C MET B 680 1.52 58.68 30.41
N ARG B 681 0.74 58.52 31.48
CA ARG B 681 1.29 58.16 32.79
C ARG B 681 1.33 56.63 32.87
N ILE B 682 2.47 56.06 32.53
CA ILE B 682 2.68 54.62 32.64
C ILE B 682 3.08 54.29 34.06
N SER B 683 2.25 53.50 34.75
CA SER B 683 2.49 53.14 36.13
C SER B 683 3.15 51.76 36.21
N SER B 684 3.35 51.26 37.44
CA SER B 684 3.99 49.97 37.63
C SER B 684 3.11 48.81 37.20
N SER B 685 1.79 49.01 37.11
CA SER B 685 0.86 48.01 36.60
C SER B 685 -0.19 48.76 35.79
N THR B 686 0.02 48.84 34.48
CA THR B 686 -0.83 49.65 33.61
C THR B 686 -1.35 48.93 32.38
N CYS B 687 -0.98 47.66 32.18
CA CYS B 687 -1.51 46.77 31.14
C CYS B 687 -1.28 47.32 29.73
N LEU B 688 0.00 47.37 29.38
CA LEU B 688 0.40 47.91 28.08
C LEU B 688 0.10 46.98 26.91
N THR B 689 -0.15 45.70 27.16
CA THR B 689 -0.46 44.75 26.10
C THR B 689 -1.60 43.85 26.55
N THR B 690 -2.75 43.99 25.91
CA THR B 690 -3.88 43.10 26.11
C THR B 690 -3.82 41.99 25.06
N GLY B 691 -4.90 41.22 24.95
CA GLY B 691 -4.98 40.23 23.89
C GLY B 691 -5.28 40.81 22.53
N ALA B 692 -5.89 41.99 22.48
CA ALA B 692 -6.16 42.66 21.21
C ALA B 692 -4.88 43.19 20.57
N ASP B 693 -3.86 43.46 21.37
CA ASP B 693 -2.56 43.87 20.85
C ASP B 693 -1.72 42.70 20.37
N VAL B 694 -1.96 41.50 20.90
CA VAL B 694 -1.32 40.30 20.38
C VAL B 694 -1.83 39.99 18.97
N LEU B 695 -3.13 40.14 18.76
CA LEU B 695 -3.71 39.89 17.44
C LEU B 695 -3.30 40.95 16.44
N LYS B 696 -3.03 42.18 16.88
CA LYS B 696 -2.54 43.21 15.98
C LYS B 696 -1.08 42.98 15.62
N GLN B 697 -0.30 42.36 16.51
CA GLN B 697 1.08 42.02 16.18
C GLN B 697 1.14 40.90 15.16
N GLN B 698 0.24 39.93 15.25
CA GLN B 698 0.24 38.79 14.35
C GLN B 698 -0.53 39.05 13.06
N GLY B 699 -1.27 40.15 12.98
CA GLY B 699 -2.08 40.40 11.81
C GLY B 699 -3.40 39.68 11.79
N VAL B 700 -3.85 39.16 12.92
CA VAL B 700 -5.14 38.47 12.99
C VAL B 700 -6.17 39.55 13.32
N THR B 701 -6.61 40.24 12.27
CA THR B 701 -7.53 41.36 12.40
C THR B 701 -8.62 41.38 11.34
N GLN B 702 -8.47 40.64 10.24
CA GLN B 702 -9.35 40.79 9.10
C GLN B 702 -10.72 40.17 9.32
N LEU B 703 -10.80 39.05 10.03
CA LEU B 703 -12.05 38.33 10.18
C LEU B 703 -12.31 38.05 11.66
N SER B 704 -13.58 37.90 11.99
CA SER B 704 -13.98 37.49 13.33
C SER B 704 -13.71 36.01 13.53
N LYS B 705 -13.90 35.53 14.75
CA LYS B 705 -13.73 34.10 14.98
C LYS B 705 -14.91 33.30 14.48
N TRP B 706 -16.08 33.92 14.36
CA TRP B 706 -17.23 33.25 13.78
C TRP B 706 -17.18 33.26 12.25
N ASN B 707 -16.56 34.28 11.66
CA ASN B 707 -16.34 34.29 10.23
C ASN B 707 -15.23 33.34 9.83
N CYS B 708 -14.21 33.16 10.69
CA CYS B 708 -13.18 32.16 10.44
C CYS B 708 -13.69 30.75 10.66
N LEU B 709 -14.75 30.58 11.46
CA LEU B 709 -15.42 29.29 11.58
C LEU B 709 -16.29 28.98 10.37
N LEU B 710 -16.86 30.01 9.74
CA LEU B 710 -17.69 29.78 8.55
C LEU B 710 -16.84 29.39 7.35
N ILE B 711 -15.66 29.97 7.23
CA ILE B 711 -14.76 29.61 6.13
C ILE B 711 -14.19 28.21 6.33
N THR B 712 -14.04 27.77 7.58
CA THR B 712 -13.60 26.40 7.82
C THR B 712 -14.71 25.40 7.50
N VAL B 713 -15.95 25.72 7.84
CA VAL B 713 -17.09 24.91 7.42
C VAL B 713 -17.31 25.05 5.92
N GLY B 714 -17.08 26.24 5.37
CA GLY B 714 -17.26 26.44 3.94
C GLY B 714 -16.21 25.77 3.09
N PHE B 715 -14.98 25.67 3.59
CA PHE B 715 -13.95 24.90 2.88
C PHE B 715 -14.22 23.41 2.93
N GLY B 716 -14.96 22.93 3.92
CA GLY B 716 -15.35 21.55 3.95
C GLY B 716 -16.42 21.26 2.92
N PHE B 717 -17.39 22.15 2.80
CA PHE B 717 -18.43 21.99 1.78
C PHE B 717 -17.89 22.23 0.38
N LEU B 718 -16.82 22.99 0.25
CA LEU B 718 -16.22 23.21 -1.06
C LEU B 718 -15.54 21.95 -1.58
N PHE B 719 -14.83 21.24 -0.71
CA PHE B 719 -14.07 20.07 -1.12
C PHE B 719 -14.92 18.81 -1.20
N ARG B 720 -16.16 18.84 -0.71
CA ARG B 720 -17.11 17.77 -1.01
C ARG B 720 -17.85 18.03 -2.32
N ILE B 721 -17.97 19.29 -2.74
CA ILE B 721 -18.50 19.60 -4.05
C ILE B 721 -17.46 19.32 -5.12
N LEU B 722 -16.20 19.71 -4.88
CA LEU B 722 -15.12 19.40 -5.81
C LEU B 722 -14.82 17.92 -5.87
N PHE B 723 -15.10 17.17 -4.80
CA PHE B 723 -15.04 15.72 -4.88
C PHE B 723 -16.16 15.17 -5.73
N TYR B 724 -17.35 15.78 -5.64
CA TYR B 724 -18.47 15.37 -6.47
C TYR B 724 -18.22 15.70 -7.94
N LEU B 725 -17.56 16.82 -8.21
CA LEU B 725 -17.24 17.18 -9.58
C LEU B 725 -16.12 16.32 -10.15
N CYS B 726 -15.26 15.75 -9.31
CA CYS B 726 -14.24 14.83 -9.80
C CYS B 726 -14.77 13.42 -9.98
N LEU B 727 -15.94 13.10 -9.44
CA LEU B 727 -16.61 11.85 -9.78
C LEU B 727 -17.40 11.95 -11.08
N LEU B 728 -17.80 13.15 -11.48
CA LEU B 728 -18.40 13.35 -12.79
C LEU B 728 -17.37 13.13 -13.90
N LEU B 729 -16.21 13.77 -13.78
CA LEU B 729 -15.15 13.63 -14.77
C LEU B 729 -14.46 12.28 -14.71
N GLY B 730 -14.62 11.54 -13.61
CA GLY B 730 -14.08 10.19 -13.53
C GLY B 730 -15.02 9.20 -14.16
N SER B 731 -16.31 9.58 -14.25
CA SER B 731 -17.27 8.76 -14.98
C SER B 731 -17.06 8.84 -16.48
N LYS B 732 -16.50 9.95 -16.97
CA LYS B 732 -16.25 10.10 -18.40
C LYS B 732 -15.11 9.22 -18.88
N ASN B 733 -14.21 8.84 -17.97
CA ASN B 733 -13.07 8.00 -18.33
C ASN B 733 -13.50 6.56 -18.54
PB ADP C . -0.74 -25.00 6.26
O1B ADP C . 0.50 -24.43 5.73
O2B ADP C . -0.90 -26.43 6.00
O3B ADP C . -1.84 -24.22 5.81
PA ADP C . 0.19 -25.02 9.13
O1A ADP C . 1.27 -24.03 9.04
O2A ADP C . 0.46 -26.48 9.24
O3A ADP C . -0.71 -24.80 7.85
O5' ADP C . -0.72 -24.55 10.34
C5' ADP C . -0.67 -25.22 11.63
C4' ADP C . -0.63 -24.21 12.74
O4' ADP C . 0.73 -23.76 12.90
C3' ADP C . -1.48 -22.95 12.54
O3' ADP C . -2.33 -22.69 13.65
C2' ADP C . -0.48 -21.80 12.43
O2' ADP C . -0.94 -20.65 13.11
C1' ADP C . 0.80 -22.36 13.05
N9 ADP C . 2.02 -21.90 12.40
C8 ADP C . 2.41 -22.15 11.11
N7 ADP C . 3.56 -21.61 10.79
C5 ADP C . 3.96 -20.96 11.94
C6 ADP C . 5.10 -20.19 12.26
N6 ADP C . 6.09 -19.96 11.39
N1 ADP C . 5.20 -19.69 13.50
C2 ADP C . 4.21 -19.93 14.36
N3 ADP C . 3.10 -20.63 14.18
C4 ADP C . 3.02 -21.12 12.93
V VO4 D . -1.68 -23.19 5.05
O1 VO4 D . -2.64 -22.11 6.29
O2 VO4 D . -2.44 -24.31 3.65
O3 VO4 D . 0.04 -22.36 4.84
O4 VO4 D . -2.23 -22.04 3.64
PB ADP E . -6.92 -8.01 -23.51
O1B ADP E . -7.96 -7.71 -22.52
O2B ADP E . -7.32 -8.99 -24.52
O3B ADP E . -5.71 -8.35 -22.84
PA ADP E . -7.26 -5.44 -25.05
O1A ADP E . -7.92 -4.62 -24.02
O2A ADP E . -8.00 -5.98 -26.22
O3A ADP E . -6.59 -6.64 -24.28
O5' ADP E . -6.04 -4.56 -25.55
C5' ADP E . -6.08 -3.87 -26.83
C4' ADP E . -5.56 -2.47 -26.68
O4' ADP E . -6.62 -1.63 -26.18
C3' ADP E . -4.38 -2.28 -25.73
O3' ADP E . -3.30 -1.57 -26.33
C2' ADP E . -4.92 -1.43 -24.58
O2' ADP E . -3.96 -0.48 -24.16
C1' ADP E . -6.17 -0.79 -25.15
N9 ADP E . -7.25 -0.63 -24.18
C8 ADP E . -7.93 -1.64 -23.55
N7 ADP E . -8.86 -1.22 -22.73
C5 ADP E . -8.79 0.17 -22.81
C6 ADP E . -9.51 1.19 -22.19
N6 ADP E . -10.49 0.99 -21.32
N1 ADP E . -9.19 2.47 -22.50
C2 ADP E . -8.21 2.68 -23.38
N3 ADP E . -7.47 1.80 -24.03
C4 ADP E . -7.80 0.54 -23.70
V VO4 F . -5.64 -8.38 -21.55
O1 VO4 F . -4.15 -7.19 -21.60
O2 VO4 F . -5.59 -10.31 -21.75
O3 VO4 F . -6.97 -7.52 -20.46
O4 VO4 F . -5.00 -9.09 -19.92
#